data_7FBK
#
_entry.id   7FBK
#
_cell.length_a   53.510
_cell.length_b   90.531
_cell.length_c   162.463
_cell.angle_alpha   90.000
_cell.angle_beta   90.000
_cell.angle_gamma   90.000
#
_symmetry.space_group_name_H-M   'P 2 21 21'
#
loop_
_entity.id
_entity.type
_entity.pdbx_description
1 polymer 'Spike protein S1'
2 polymer 'New antigen receptor variable domain'
3 branched 2-acetamido-2-deoxy-beta-D-glucopyranose-(1-4)-[alpha-L-fucopyranose-(1-6)]2-acetamido-2-deoxy-beta-D-glucopyranose
4 water water
#
loop_
_entity_poly.entity_id
_entity_poly.type
_entity_poly.pdbx_seq_one_letter_code
_entity_poly.pdbx_strand_id
1 'polypeptide(L)'
;DAAQPAITNLCPFGEVFNATRFASVYAWNRKRISNCVADYSVLYNSASFSTFKCYGVSPTKLNDLCFTNVYADSFVIRGD
EVRQIAPGQTGKIADYNYKLPDDFTGCVIAWNSNNLDSKVGGNYNYLYRLFRKSNLKPFERDISTEIYQAGSTPCNGVEG
FNCYFPLQSYGFQPTYGVGYQPYRVVVLSFELLHAPATVCGPAAARGGPEQKLISEEDLNSAVDHHHHHH
;
A,B
2 'polypeptide(L)'
;MAMAERVEQTPTTTTKEAGESLTINCVLRDSPCSLDSTFWYFTKKGATKKENLSNGGRYAETVNKASKSFSLQISDLRVE
DSGTYHCRAYSTTGDERDCRWQGYIEGYGTIVTVKSSGSSGLEHHHHHH
;
C,D
#
loop_
_chem_comp.id
_chem_comp.type
_chem_comp.name
_chem_comp.formula
FUC L-saccharide, alpha linking alpha-L-fucopyranose 'C6 H12 O5'
NAG D-saccharide, beta linking 2-acetamido-2-deoxy-beta-D-glucopyranose 'C8 H15 N O6'
#
# COMPACT_ATOMS: atom_id res chain seq x y z
N ASN A 9 8.37 -18.38 12.66
CA ASN A 9 7.10 -18.13 11.94
C ASN A 9 7.33 -17.32 10.63
N LEU A 10 6.73 -17.81 9.54
CA LEU A 10 7.18 -17.57 8.14
C LEU A 10 6.70 -16.22 7.56
N CYS A 11 7.55 -15.65 6.70
CA CYS A 11 7.33 -14.32 6.06
C CYS A 11 6.04 -14.35 5.23
N PRO A 12 5.26 -13.28 5.24
CA PRO A 12 4.02 -13.24 4.45
C PRO A 12 4.23 -12.95 2.96
N PHE A 13 5.07 -13.72 2.24
CA PHE A 13 5.35 -13.52 0.79
C PHE A 13 4.09 -13.86 0.00
N GLY A 14 3.27 -14.74 0.58
CA GLY A 14 1.95 -15.12 0.04
C GLY A 14 1.08 -13.91 -0.26
N GLU A 15 1.08 -12.90 0.62
CA GLU A 15 0.24 -11.67 0.49
C GLU A 15 0.71 -10.90 -0.76
N VAL A 16 2.00 -10.96 -1.08
CA VAL A 16 2.57 -10.23 -2.26
C VAL A 16 2.40 -11.08 -3.52
N PHE A 17 2.92 -12.28 -3.57
CA PHE A 17 2.96 -13.06 -4.82
C PHE A 17 1.55 -13.42 -5.31
N ASN A 18 0.62 -13.72 -4.38
CA ASN A 18 -0.75 -14.21 -4.71
C ASN A 18 -1.81 -13.14 -4.48
N ALA A 19 -1.49 -11.85 -4.30
CA ALA A 19 -2.54 -10.80 -4.25
C ALA A 19 -3.49 -10.94 -5.45
N THR A 20 -4.78 -10.73 -5.27
CA THR A 20 -5.78 -10.86 -6.35
C THR A 20 -5.44 -9.90 -7.49
N ARG A 21 -5.14 -8.66 -7.17
CA ARG A 21 -4.87 -7.58 -8.19
C ARG A 21 -3.51 -7.01 -7.83
N PHE A 22 -2.66 -6.70 -8.81
CA PHE A 22 -1.34 -6.08 -8.59
C PHE A 22 -1.50 -4.59 -8.87
N ALA A 23 -0.52 -3.81 -8.45
CA ALA A 23 -0.45 -2.37 -8.78
C ALA A 23 -0.05 -2.18 -10.26
N SER A 24 -0.45 -1.05 -10.84
CA SER A 24 0.22 -0.46 -12.02
C SER A 24 1.67 -0.20 -11.63
N VAL A 25 2.57 -0.29 -12.60
CA VAL A 25 4.01 -0.03 -12.40
C VAL A 25 4.26 1.41 -11.91
N TYR A 26 3.54 2.43 -12.41
CA TYR A 26 3.78 3.84 -12.00
C TYR A 26 3.42 4.00 -10.52
N ALA A 27 2.45 3.21 -10.03
CA ALA A 27 1.99 3.21 -8.61
C ALA A 27 2.42 1.92 -7.90
N TRP A 28 3.68 1.53 -8.04
CA TRP A 28 4.18 0.23 -7.62
C TRP A 28 4.01 0.09 -6.10
N ASN A 29 3.69 -1.12 -5.67
CA ASN A 29 3.48 -1.48 -4.24
C ASN A 29 4.78 -1.93 -3.59
N ARG A 30 4.88 -1.75 -2.28
CA ARG A 30 6.06 -2.20 -1.52
C ARG A 30 5.54 -2.71 -0.16
N LYS A 31 5.97 -3.90 0.23
CA LYS A 31 5.72 -4.48 1.57
C LYS A 31 7.09 -4.61 2.25
N ARG A 32 7.20 -4.06 3.47
CA ARG A 32 8.43 -4.15 4.28
C ARG A 32 8.31 -5.44 5.08
N ILE A 33 9.23 -6.36 4.84
CA ILE A 33 9.26 -7.71 5.48
C ILE A 33 10.25 -7.63 6.65
N SER A 34 9.87 -8.16 7.79
CA SER A 34 10.78 -8.25 8.96
C SER A 34 10.28 -9.29 9.97
N ASN A 35 11.20 -9.88 10.73
CA ASN A 35 10.92 -10.74 11.91
C ASN A 35 10.25 -12.02 11.45
N CYS A 36 10.92 -12.76 10.58
CA CYS A 36 10.31 -13.98 10.02
C CYS A 36 11.37 -14.76 9.27
N VAL A 37 10.97 -15.97 8.91
CA VAL A 37 11.73 -17.01 8.17
C VAL A 37 11.05 -17.22 6.82
N ALA A 38 11.84 -17.41 5.77
CA ALA A 38 11.44 -17.39 4.34
C ALA A 38 12.19 -18.51 3.61
N ASP A 39 11.50 -19.53 3.09
CA ASP A 39 12.08 -20.58 2.21
C ASP A 39 12.21 -20.02 0.78
N TYR A 40 13.34 -19.39 0.47
CA TYR A 40 13.59 -18.75 -0.85
C TYR A 40 13.72 -19.83 -1.90
N SER A 41 14.25 -20.96 -1.48
CA SER A 41 14.51 -22.13 -2.35
C SER A 41 13.23 -22.67 -2.93
N VAL A 42 12.11 -22.73 -2.22
CA VAL A 42 10.87 -23.25 -2.87
C VAL A 42 10.39 -22.24 -3.94
N LEU A 43 10.55 -20.94 -3.71
CA LEU A 43 10.27 -19.90 -4.76
C LEU A 43 11.18 -20.15 -5.95
N TYR A 44 12.49 -20.14 -5.74
CA TYR A 44 13.49 -20.30 -6.81
C TYR A 44 13.25 -21.60 -7.61
N ASN A 45 13.03 -22.73 -6.94
CA ASN A 45 12.77 -24.04 -7.62
C ASN A 45 11.38 -24.11 -8.26
N SER A 46 10.41 -23.27 -7.88
CA SER A 46 9.05 -23.32 -8.49
C SER A 46 9.13 -23.16 -10.02
N ALA A 47 8.42 -24.01 -10.74
CA ALA A 47 8.22 -23.96 -12.20
C ALA A 47 7.36 -22.74 -12.62
N SER A 48 6.71 -22.03 -11.69
CA SER A 48 5.68 -21.01 -12.06
C SER A 48 6.30 -19.70 -12.60
N PHE A 49 7.58 -19.38 -12.37
CA PHE A 49 8.21 -18.09 -12.75
C PHE A 49 8.94 -18.23 -14.07
N SER A 50 9.04 -17.15 -14.85
CA SER A 50 9.78 -17.15 -16.13
C SER A 50 11.08 -16.35 -15.98
N THR A 51 11.19 -15.50 -14.97
CA THR A 51 12.41 -14.71 -14.65
C THR A 51 12.71 -14.86 -13.16
N PHE A 52 13.95 -15.14 -12.82
CA PHE A 52 14.43 -15.16 -11.43
C PHE A 52 15.91 -14.81 -11.46
N LYS A 53 16.21 -13.53 -11.30
CA LYS A 53 17.55 -12.97 -11.56
C LYS A 53 18.01 -12.25 -10.30
N CYS A 54 19.05 -12.75 -9.66
CA CYS A 54 19.60 -12.19 -8.41
C CYS A 54 20.92 -11.48 -8.72
N TYR A 55 21.03 -10.24 -8.26
CA TYR A 55 22.17 -9.30 -8.39
C TYR A 55 22.88 -9.23 -7.01
N GLY A 56 24.19 -9.50 -6.95
CA GLY A 56 24.98 -9.32 -5.72
C GLY A 56 24.76 -10.43 -4.69
N VAL A 57 24.10 -11.53 -5.06
CA VAL A 57 23.81 -12.70 -4.19
C VAL A 57 23.36 -13.85 -5.09
N SER A 58 23.64 -15.10 -4.69
CA SER A 58 23.24 -16.33 -5.41
C SER A 58 21.89 -16.80 -4.88
N PRO A 59 20.99 -17.21 -5.78
CA PRO A 59 19.66 -17.63 -5.36
C PRO A 59 19.75 -18.85 -4.44
N THR A 60 20.70 -19.75 -4.67
CA THR A 60 20.83 -21.05 -3.95
C THR A 60 21.47 -20.84 -2.57
N LYS A 61 21.92 -19.61 -2.26
CA LYS A 61 22.49 -19.20 -0.95
C LYS A 61 21.43 -18.54 -0.04
N LEU A 62 20.26 -18.13 -0.55
CA LEU A 62 19.38 -17.22 0.23
C LEU A 62 18.86 -17.91 1.49
N ASN A 63 18.60 -19.23 1.44
CA ASN A 63 18.12 -20.02 2.60
C ASN A 63 19.15 -19.95 3.73
N ASP A 64 20.43 -19.73 3.39
CA ASP A 64 21.57 -19.66 4.34
C ASP A 64 21.80 -18.25 4.91
N LEU A 65 21.12 -17.21 4.44
CA LEU A 65 21.46 -15.82 4.81
C LEU A 65 20.34 -15.17 5.63
N CYS A 66 20.71 -14.13 6.38
CA CYS A 66 19.82 -13.25 7.16
C CYS A 66 20.01 -11.81 6.67
N PHE A 67 18.95 -10.99 6.73
CA PHE A 67 18.99 -9.54 6.42
C PHE A 67 18.20 -8.77 7.49
N THR A 68 18.56 -7.50 7.68
CA THR A 68 17.82 -6.52 8.50
C THR A 68 16.37 -6.48 8.00
N ASN A 69 16.20 -6.17 6.70
CA ASN A 69 14.89 -5.94 6.01
C ASN A 69 14.93 -6.50 4.59
N VAL A 70 13.81 -7.09 4.18
CA VAL A 70 13.51 -7.41 2.78
C VAL A 70 12.35 -6.51 2.36
N TYR A 71 12.50 -5.80 1.24
CA TYR A 71 11.39 -5.09 0.56
C TYR A 71 10.93 -6.01 -0.56
N ALA A 72 9.61 -6.22 -0.62
CA ALA A 72 8.98 -6.91 -1.74
C ALA A 72 8.14 -5.86 -2.46
N ASP A 73 8.68 -5.42 -3.59
CA ASP A 73 8.01 -4.50 -4.52
C ASP A 73 7.22 -5.26 -5.59
N SER A 74 6.05 -4.77 -6.02
CA SER A 74 5.27 -5.56 -6.99
C SER A 74 4.38 -4.67 -7.87
N PHE A 75 4.19 -5.12 -9.10
CA PHE A 75 3.54 -4.35 -10.19
C PHE A 75 3.40 -5.26 -11.39
N VAL A 76 2.68 -4.75 -12.41
CA VAL A 76 2.49 -5.35 -13.75
C VAL A 76 3.06 -4.45 -14.84
N ILE A 77 3.83 -5.10 -15.73
CA ILE A 77 4.37 -4.52 -17.00
C ILE A 77 4.09 -5.53 -18.12
N ARG A 78 4.42 -5.16 -19.37
CA ARG A 78 4.31 -6.11 -20.51
C ARG A 78 5.58 -6.99 -20.53
N GLY A 79 5.50 -8.20 -21.07
CA GLY A 79 6.62 -9.15 -21.11
C GLY A 79 7.87 -8.51 -21.69
N ASP A 80 7.79 -7.71 -22.76
CA ASP A 80 9.07 -7.22 -23.33
C ASP A 80 9.67 -6.07 -22.50
N GLU A 81 9.09 -5.70 -21.35
CA GLU A 81 9.66 -4.67 -20.44
C GLU A 81 10.37 -5.33 -19.26
N VAL A 82 10.23 -6.65 -19.08
CA VAL A 82 10.75 -7.31 -17.87
C VAL A 82 12.27 -7.10 -17.80
N ARG A 83 12.95 -7.03 -18.94
CA ARG A 83 14.42 -6.79 -18.99
C ARG A 83 14.75 -5.41 -18.43
N GLN A 84 13.84 -4.42 -18.45
CA GLN A 84 14.14 -3.08 -17.89
C GLN A 84 14.13 -3.09 -16.36
N ILE A 85 13.64 -4.16 -15.69
CA ILE A 85 13.70 -4.22 -14.19
C ILE A 85 15.07 -4.79 -13.79
N ALA A 86 16.08 -3.94 -13.82
CA ALA A 86 17.48 -4.32 -13.56
C ALA A 86 18.28 -3.05 -13.32
N PRO A 87 19.35 -3.11 -12.50
CA PRO A 87 20.29 -2.00 -12.39
C PRO A 87 20.83 -1.61 -13.78
N GLY A 88 20.92 -0.29 -14.03
CA GLY A 88 21.66 0.32 -15.13
C GLY A 88 20.91 0.26 -16.42
N GLN A 89 19.60 0.06 -16.37
CA GLN A 89 18.78 -0.09 -17.60
C GLN A 89 18.17 1.25 -18.01
N THR A 90 17.80 1.41 -19.27
CA THR A 90 17.12 2.64 -19.73
C THR A 90 15.86 2.25 -20.50
N GLY A 91 14.97 3.20 -20.72
CA GLY A 91 13.65 2.93 -21.30
C GLY A 91 12.57 3.49 -20.39
N LYS A 92 11.33 3.47 -20.82
CA LYS A 92 10.25 4.28 -20.20
C LYS A 92 9.99 3.72 -18.77
N ILE A 93 10.13 2.40 -18.56
CA ILE A 93 9.83 1.80 -17.23
C ILE A 93 10.94 2.17 -16.28
N ALA A 94 12.18 1.89 -16.64
CA ALA A 94 13.37 2.21 -15.81
C ALA A 94 13.51 3.72 -15.57
N ASP A 95 13.26 4.55 -16.59
CA ASP A 95 13.39 6.01 -16.45
C ASP A 95 12.23 6.66 -15.71
N TYR A 96 10.98 6.27 -16.00
CA TYR A 96 9.80 7.07 -15.55
C TYR A 96 8.92 6.31 -14.56
N ASN A 97 9.17 5.04 -14.26
CA ASN A 97 8.14 4.24 -13.50
C ASN A 97 8.76 3.54 -12.31
N TYR A 98 9.83 2.79 -12.51
CA TYR A 98 10.42 2.03 -11.38
C TYR A 98 11.89 1.79 -11.68
N LYS A 99 12.72 2.35 -10.82
CA LYS A 99 14.17 2.45 -11.06
C LYS A 99 14.88 1.74 -9.90
N LEU A 100 15.79 0.83 -10.22
CA LEU A 100 16.62 0.17 -9.22
C LEU A 100 17.98 0.87 -9.12
N PRO A 101 18.61 0.89 -7.94
CA PRO A 101 19.92 1.52 -7.81
C PRO A 101 21.03 0.66 -8.42
N ASP A 102 22.12 1.30 -8.78
CA ASP A 102 23.30 0.66 -9.41
C ASP A 102 23.82 -0.46 -8.53
N ASP A 103 23.89 -0.26 -7.20
CA ASP A 103 24.43 -1.26 -6.24
C ASP A 103 23.32 -2.23 -5.79
N PHE A 104 22.27 -2.42 -6.58
CA PHE A 104 21.10 -3.26 -6.16
C PHE A 104 21.53 -4.64 -5.64
N THR A 105 21.08 -5.05 -4.45
CA THR A 105 21.20 -6.47 -4.00
C THR A 105 19.78 -7.04 -3.82
N GLY A 106 19.40 -7.99 -4.67
CA GLY A 106 18.02 -8.50 -4.69
C GLY A 106 17.78 -9.40 -5.87
N CYS A 107 16.58 -9.92 -5.95
CA CYS A 107 16.14 -10.81 -7.05
C CYS A 107 14.97 -10.10 -7.76
N VAL A 108 14.95 -10.18 -9.10
CA VAL A 108 13.79 -9.75 -9.92
C VAL A 108 13.09 -11.04 -10.36
N ILE A 109 11.81 -11.21 -10.00
CA ILE A 109 10.98 -12.42 -10.29
C ILE A 109 9.77 -12.00 -11.13
N ALA A 110 9.56 -12.64 -12.28
CA ALA A 110 8.38 -12.29 -13.11
C ALA A 110 7.67 -13.57 -13.59
N TRP A 111 6.38 -13.48 -13.86
CA TRP A 111 5.61 -14.54 -14.55
C TRP A 111 4.50 -13.92 -15.42
N ASN A 112 4.17 -14.61 -16.51
CA ASN A 112 3.03 -14.31 -17.40
C ASN A 112 1.74 -14.39 -16.57
N SER A 113 0.91 -13.34 -16.62
CA SER A 113 -0.36 -13.27 -15.87
C SER A 113 -1.50 -12.95 -16.84
N ASN A 114 -1.36 -13.35 -18.10
CA ASN A 114 -2.39 -13.17 -19.14
C ASN A 114 -3.76 -13.69 -18.66
N ASN A 115 -3.80 -14.79 -17.94
CA ASN A 115 -5.03 -15.47 -17.47
C ASN A 115 -5.72 -14.65 -16.38
N LEU A 116 -4.96 -13.82 -15.65
CA LEU A 116 -5.49 -13.03 -14.51
C LEU A 116 -5.75 -11.58 -14.91
N ASP A 117 -4.97 -10.98 -15.83
CA ASP A 117 -4.82 -9.51 -15.90
C ASP A 117 -5.24 -8.99 -17.30
N SER A 118 -5.46 -9.85 -18.27
CA SER A 118 -6.01 -9.41 -19.58
C SER A 118 -7.52 -9.64 -19.59
N LYS A 119 -8.25 -8.86 -20.36
CA LYS A 119 -9.75 -8.92 -20.45
C LYS A 119 -10.16 -8.79 -21.90
N VAL A 120 -11.24 -9.46 -22.30
CA VAL A 120 -11.78 -9.43 -23.70
C VAL A 120 -11.86 -7.97 -24.21
N GLY A 121 -12.46 -7.04 -23.47
CA GLY A 121 -12.49 -5.62 -23.94
C GLY A 121 -11.12 -4.91 -23.87
N GLY A 122 -10.12 -5.46 -23.17
CA GLY A 122 -8.94 -4.69 -22.73
C GLY A 122 -9.04 -4.38 -21.25
N ASN A 123 -7.99 -4.65 -20.49
CA ASN A 123 -7.91 -4.26 -19.06
C ASN A 123 -7.27 -2.88 -18.98
N TYR A 124 -8.08 -1.86 -18.71
CA TYR A 124 -7.68 -0.43 -18.67
C TYR A 124 -7.12 -0.05 -17.31
N ASN A 125 -7.01 -0.98 -16.40
CA ASN A 125 -6.68 -0.65 -15.00
C ASN A 125 -5.15 -0.67 -14.82
N TYR A 126 -4.36 -1.22 -15.75
CA TYR A 126 -2.87 -1.21 -15.63
C TYR A 126 -2.31 -0.09 -16.56
N LEU A 127 -1.59 0.86 -15.96
CA LEU A 127 -0.96 1.93 -16.72
C LEU A 127 0.54 1.98 -16.49
N TYR A 128 1.21 2.75 -17.33
CA TYR A 128 2.61 3.14 -17.11
C TYR A 128 2.76 4.64 -17.46
N ARG A 129 3.75 5.30 -16.90
CA ARG A 129 4.06 6.72 -17.21
C ARG A 129 4.92 6.75 -18.47
N LEU A 130 4.47 7.51 -19.44
CA LEU A 130 5.08 7.58 -20.79
C LEU A 130 5.98 8.83 -20.90
N PHE A 131 5.70 9.88 -20.13
CA PHE A 131 6.43 11.19 -20.17
C PHE A 131 6.76 11.66 -18.74
N ARG A 132 7.98 12.19 -18.57
CA ARG A 132 8.38 12.88 -17.33
C ARG A 132 9.49 13.87 -17.65
N LYS A 133 9.61 14.95 -16.86
CA LYS A 133 10.63 15.99 -17.15
C LYS A 133 12.01 15.46 -16.76
N SER A 134 12.12 14.57 -15.75
CA SER A 134 13.43 13.95 -15.41
C SER A 134 13.25 12.47 -15.06
N ASN A 135 14.35 11.72 -15.12
CA ASN A 135 14.37 10.29 -14.70
C ASN A 135 14.10 10.20 -13.20
N LEU A 136 13.36 9.17 -12.77
CA LEU A 136 13.21 8.83 -11.36
C LEU A 136 14.60 8.56 -10.75
N LYS A 137 14.76 8.95 -9.51
CA LYS A 137 15.74 8.38 -8.54
C LYS A 137 15.38 6.94 -8.19
N PRO A 138 16.41 6.16 -7.79
CA PRO A 138 16.20 4.77 -7.39
C PRO A 138 15.12 4.68 -6.30
N PHE A 139 14.05 3.90 -6.53
CA PHE A 139 12.92 3.59 -5.62
C PHE A 139 12.05 4.81 -5.39
N GLU A 140 12.13 5.79 -6.26
CA GLU A 140 11.19 6.93 -6.22
C GLU A 140 9.89 6.41 -6.84
N ARG A 141 8.79 7.00 -6.42
CA ARG A 141 7.43 6.68 -6.89
CA ARG A 141 7.44 6.66 -6.94
C ARG A 141 6.74 7.97 -7.31
N ASP A 142 6.27 8.05 -8.55
CA ASP A 142 5.50 9.23 -8.98
C ASP A 142 4.09 8.80 -9.39
N ILE A 143 3.08 9.27 -8.64
CA ILE A 143 1.65 8.98 -8.94
C ILE A 143 0.95 10.24 -9.41
N SER A 144 1.66 11.31 -9.77
CA SER A 144 1.03 12.56 -10.29
C SER A 144 0.40 12.33 -11.66
N THR A 145 -0.65 13.09 -11.98
CA THR A 145 -1.38 13.06 -13.26
C THR A 145 -1.45 14.46 -13.89
N GLU A 146 -0.41 15.29 -13.73
CA GLU A 146 -0.38 16.60 -14.42
C GLU A 146 -0.12 16.38 -15.92
N ILE A 147 -0.80 17.17 -16.74
CA ILE A 147 -0.56 17.20 -18.21
C ILE A 147 0.92 17.52 -18.45
N TYR A 148 1.59 16.75 -19.30
CA TYR A 148 3.03 16.92 -19.59
C TYR A 148 3.20 17.91 -20.75
N GLN A 149 3.99 18.94 -20.50
CA GLN A 149 4.26 20.01 -21.47
C GLN A 149 5.42 19.50 -22.32
N ALA A 150 5.15 19.01 -23.52
CA ALA A 150 6.20 18.46 -24.41
C ALA A 150 6.87 19.57 -25.22
N GLY A 151 6.19 20.68 -25.46
CA GLY A 151 6.70 21.77 -26.33
C GLY A 151 6.86 23.05 -25.52
N SER A 152 6.78 24.19 -26.17
CA SER A 152 6.95 25.54 -25.60
C SER A 152 5.63 26.12 -25.13
N THR A 153 4.51 25.69 -25.70
CA THR A 153 3.20 26.33 -25.45
C THR A 153 2.63 25.74 -24.18
N PRO A 154 1.97 26.57 -23.37
CA PRO A 154 1.53 26.12 -22.05
C PRO A 154 0.24 25.30 -22.16
N CYS A 155 0.11 24.26 -21.36
CA CYS A 155 -1.02 23.31 -21.40
C CYS A 155 -2.21 23.88 -20.62
N ASN A 156 -1.95 24.48 -19.45
CA ASN A 156 -2.99 25.00 -18.52
C ASN A 156 -3.91 23.84 -18.13
N GLY A 157 -3.36 22.65 -17.85
CA GLY A 157 -4.09 21.45 -17.37
C GLY A 157 -5.06 20.87 -18.39
N VAL A 158 -4.92 21.19 -19.67
CA VAL A 158 -5.77 20.74 -20.82
C VAL A 158 -4.91 19.86 -21.77
N GLU A 159 -5.30 18.62 -22.04
CA GLU A 159 -4.60 17.80 -23.05
C GLU A 159 -4.77 18.56 -24.35
N GLY A 160 -3.82 18.46 -25.28
CA GLY A 160 -3.81 19.31 -26.47
C GLY A 160 -2.56 19.05 -27.27
N PHE A 161 -2.25 19.95 -28.24
CA PHE A 161 -1.03 19.88 -29.09
C PHE A 161 0.19 19.94 -28.15
N ASN A 162 1.08 18.93 -28.20
CA ASN A 162 2.31 18.82 -27.39
C ASN A 162 2.02 18.97 -25.91
N CYS A 163 0.80 18.66 -25.48
CA CYS A 163 0.33 18.67 -24.06
C CYS A 163 -0.35 17.31 -23.81
N TYR A 164 0.36 16.36 -23.21
CA TYR A 164 -0.09 14.93 -23.08
C TYR A 164 -0.45 14.51 -21.64
N PHE A 165 -1.57 13.80 -21.50
CA PHE A 165 -1.85 13.08 -20.25
C PHE A 165 -0.71 12.08 -20.10
N PRO A 166 0.00 12.04 -18.97
CA PRO A 166 1.25 11.30 -18.92
C PRO A 166 1.18 9.76 -18.75
N LEU A 167 0.01 9.23 -18.39
CA LEU A 167 -0.17 7.77 -18.19
C LEU A 167 -0.78 7.14 -19.46
N GLN A 168 -0.25 6.01 -19.88
CA GLN A 168 -0.83 5.20 -20.98
C GLN A 168 -1.34 3.85 -20.38
N SER A 169 -2.53 3.43 -20.76
CA SER A 169 -3.10 2.12 -20.41
C SER A 169 -2.47 1.06 -21.29
N TYR A 170 -2.03 -0.08 -20.73
CA TYR A 170 -1.59 -1.30 -21.46
C TYR A 170 -2.79 -1.89 -22.22
N GLY A 171 -4.01 -1.75 -21.70
CA GLY A 171 -5.22 -2.29 -22.36
C GLY A 171 -5.10 -3.78 -22.63
N PHE A 172 -4.54 -4.55 -21.70
CA PHE A 172 -4.19 -5.97 -21.97
C PHE A 172 -5.42 -6.75 -22.43
N GLN A 173 -5.31 -7.40 -23.60
CA GLN A 173 -6.31 -8.35 -24.15
C GLN A 173 -5.65 -9.70 -24.31
N PRO A 174 -6.44 -10.79 -24.09
CA PRO A 174 -5.88 -12.15 -24.01
C PRO A 174 -5.23 -12.59 -25.34
N THR A 175 -5.59 -11.94 -26.44
CA THR A 175 -5.19 -12.30 -27.83
C THR A 175 -3.90 -11.60 -28.24
N TYR A 176 -3.32 -10.74 -27.40
CA TYR A 176 -2.05 -10.03 -27.66
C TYR A 176 -0.88 -11.01 -27.78
N GLY A 177 0.18 -10.66 -28.55
CA GLY A 177 1.45 -11.40 -28.64
C GLY A 177 2.12 -11.50 -27.26
N VAL A 178 2.90 -12.54 -26.98
CA VAL A 178 3.32 -12.76 -25.56
C VAL A 178 4.22 -11.60 -25.06
N GLY A 179 4.91 -10.87 -25.94
CA GLY A 179 5.67 -9.67 -25.54
C GLY A 179 4.76 -8.53 -25.07
N TYR A 180 3.48 -8.56 -25.43
CA TYR A 180 2.51 -7.51 -25.08
C TYR A 180 1.56 -8.03 -23.97
N GLN A 181 1.79 -9.25 -23.47
CA GLN A 181 0.93 -9.83 -22.44
C GLN A 181 1.40 -9.27 -21.12
N PRO A 182 0.53 -9.29 -20.09
CA PRO A 182 0.90 -8.78 -18.78
C PRO A 182 1.77 -9.81 -18.08
N TYR A 183 2.78 -9.29 -17.43
CA TYR A 183 3.66 -10.01 -16.48
C TYR A 183 3.55 -9.35 -15.10
N ARG A 184 3.33 -10.17 -14.12
CA ARG A 184 3.46 -9.80 -12.69
C ARG A 184 4.93 -9.90 -12.30
N VAL A 185 5.42 -8.88 -11.59
CA VAL A 185 6.84 -8.78 -11.18
C VAL A 185 6.83 -8.59 -9.67
N VAL A 186 7.76 -9.25 -8.97
CA VAL A 186 8.11 -9.01 -7.55
C VAL A 186 9.62 -8.79 -7.52
N VAL A 187 10.06 -7.66 -6.96
CA VAL A 187 11.49 -7.39 -6.71
C VAL A 187 11.71 -7.55 -5.22
N LEU A 188 12.60 -8.45 -4.83
CA LEU A 188 13.03 -8.60 -3.42
C LEU A 188 14.33 -7.86 -3.26
N SER A 189 14.37 -6.81 -2.43
CA SER A 189 15.65 -6.16 -2.04
C SER A 189 16.07 -6.74 -0.70
N PHE A 190 17.33 -7.16 -0.59
CA PHE A 190 17.92 -7.66 0.67
C PHE A 190 18.75 -6.54 1.28
N GLU A 191 18.27 -5.97 2.40
CA GLU A 191 18.90 -4.77 3.02
CA GLU A 191 18.84 -4.77 3.05
C GLU A 191 19.66 -5.23 4.26
N LEU A 192 20.91 -4.77 4.35
CA LEU A 192 21.78 -5.08 5.52
C LEU A 192 22.20 -3.76 6.18
N LEU A 193 21.50 -3.32 7.23
CA LEU A 193 21.76 -2.02 7.93
C LEU A 193 22.16 -2.27 9.39
N HIS A 194 22.66 -1.25 10.09
CA HIS A 194 23.46 -1.40 11.35
C HIS A 194 22.74 -2.29 12.39
N ALA A 195 21.40 -2.44 12.28
CA ALA A 195 20.53 -3.27 13.15
C ALA A 195 20.98 -4.74 13.16
N PRO A 196 20.33 -5.62 13.97
CA PRO A 196 20.52 -7.07 13.86
C PRO A 196 19.45 -7.65 12.92
N ALA A 197 19.72 -8.84 12.36
CA ALA A 197 19.13 -9.30 11.09
C ALA A 197 18.00 -10.30 11.35
N THR A 198 16.75 -9.81 11.44
CA THR A 198 15.52 -10.56 11.84
C THR A 198 14.97 -11.42 10.68
N VAL A 199 15.28 -11.11 9.40
CA VAL A 199 14.66 -11.83 8.25
C VAL A 199 15.59 -12.90 7.74
N CYS A 200 15.28 -14.16 7.99
CA CYS A 200 16.25 -15.26 7.79
C CYS A 200 15.66 -16.28 6.85
N GLY A 201 16.54 -16.94 6.09
CA GLY A 201 16.21 -18.24 5.49
C GLY A 201 16.08 -19.27 6.61
N PRO A 202 15.52 -20.48 6.33
CA PRO A 202 15.35 -21.50 7.35
C PRO A 202 16.71 -21.97 7.89
N ALA A 203 17.67 -22.22 6.99
CA ALA A 203 19.01 -22.78 7.27
C ALA A 203 19.91 -21.77 7.99
N ALA A 204 19.42 -20.58 8.35
CA ALA A 204 20.15 -19.61 9.20
C ALA A 204 19.38 -19.39 10.50
N ASN B 9 -2.23 -1.12 40.55
CA ASN B 9 -3.44 -0.27 40.36
C ASN B 9 -3.44 0.51 39.01
N LEU B 10 -4.63 0.96 38.62
CA LEU B 10 -4.98 1.36 37.25
C LEU B 10 -4.41 2.76 36.96
N CYS B 11 -3.96 2.95 35.73
CA CYS B 11 -3.62 4.28 35.18
C CYS B 11 -4.89 5.14 35.18
N PRO B 12 -4.79 6.40 35.65
CA PRO B 12 -5.97 7.29 35.66
C PRO B 12 -6.34 7.85 34.28
N PHE B 13 -6.64 6.96 33.32
CA PHE B 13 -7.01 7.30 31.94
C PHE B 13 -8.41 7.91 31.95
N GLY B 14 -9.25 7.53 32.91
CA GLY B 14 -10.63 8.02 32.98
C GLY B 14 -10.68 9.52 33.10
N GLU B 15 -9.75 10.09 33.88
CA GLU B 15 -9.70 11.56 34.16
C GLU B 15 -9.46 12.28 32.81
N VAL B 16 -8.72 11.68 31.89
CA VAL B 16 -8.32 12.35 30.58
C VAL B 16 -9.46 12.16 29.59
N PHE B 17 -9.89 10.92 29.32
CA PHE B 17 -10.86 10.63 28.25
C PHE B 17 -12.24 11.18 28.62
N ASN B 18 -12.60 11.23 29.91
CA ASN B 18 -13.98 11.56 30.35
C ASN B 18 -14.00 12.89 31.08
N ALA B 19 -12.98 13.73 30.98
CA ALA B 19 -13.03 15.08 31.58
C ALA B 19 -14.29 15.77 31.05
N THR B 20 -14.97 16.56 31.84
CA THR B 20 -16.19 17.30 31.44
C THR B 20 -15.87 18.31 30.31
N ARG B 21 -14.83 19.12 30.46
CA ARG B 21 -14.35 20.06 29.39
C ARG B 21 -12.91 19.72 29.03
N PHE B 22 -12.56 20.01 27.77
CA PHE B 22 -11.24 19.71 27.21
C PHE B 22 -10.53 21.07 27.08
N ALA B 23 -9.21 21.06 26.99
CA ALA B 23 -8.38 22.20 26.64
C ALA B 23 -8.62 22.54 25.17
N SER B 24 -8.38 23.80 24.78
CA SER B 24 -8.15 24.26 23.40
C SER B 24 -6.86 23.60 22.91
N VAL B 25 -6.81 23.25 21.61
CA VAL B 25 -5.57 22.65 21.02
C VAL B 25 -4.39 23.61 21.21
N TYR B 26 -4.54 24.95 21.13
CA TYR B 26 -3.34 25.82 21.32
C TYR B 26 -2.80 25.73 22.76
N ALA B 27 -3.66 25.39 23.73
CA ALA B 27 -3.31 25.27 25.17
C ALA B 27 -3.44 23.79 25.62
N TRP B 28 -3.02 22.87 24.76
CA TRP B 28 -3.26 21.40 24.88
C TRP B 28 -2.82 20.90 26.28
N ASN B 29 -3.67 20.07 26.91
CA ASN B 29 -3.34 19.44 28.21
C ASN B 29 -2.29 18.33 27.98
N ARG B 30 -1.42 18.14 28.96
CA ARG B 30 -0.48 17.03 29.05
C ARG B 30 -0.57 16.48 30.48
N LYS B 31 -0.90 15.21 30.58
CA LYS B 31 -0.95 14.51 31.86
C LYS B 31 0.12 13.42 31.82
N ARG B 32 1.06 13.49 32.75
CA ARG B 32 2.09 12.43 32.85
C ARG B 32 1.53 11.22 33.60
N ILE B 33 1.73 10.02 33.07
CA ILE B 33 1.21 8.73 33.61
C ILE B 33 2.41 7.93 34.10
N SER B 34 2.39 7.43 35.34
CA SER B 34 3.50 6.62 35.89
C SER B 34 2.98 5.63 36.91
N ASN B 35 3.72 4.54 37.07
CA ASN B 35 3.60 3.61 38.23
C ASN B 35 2.19 3.04 38.26
N CYS B 36 1.80 2.37 37.17
CA CYS B 36 0.40 1.94 37.01
C CYS B 36 0.31 0.92 35.91
N VAL B 37 -0.84 0.26 35.92
CA VAL B 37 -1.29 -0.71 34.88
C VAL B 37 -2.44 -0.11 34.07
N ALA B 38 -2.42 -0.35 32.76
CA ALA B 38 -3.30 0.29 31.78
C ALA B 38 -3.79 -0.78 30.81
N ASP B 39 -5.11 -1.03 30.78
CA ASP B 39 -5.75 -1.96 29.83
C ASP B 39 -6.05 -1.15 28.54
N TYR B 40 -5.08 -1.04 27.64
CA TYR B 40 -5.23 -0.38 26.30
C TYR B 40 -6.25 -1.12 25.44
N SER B 41 -6.30 -2.44 25.49
CA SER B 41 -7.21 -3.23 24.63
C SER B 41 -8.67 -2.84 24.90
N VAL B 42 -9.08 -2.64 26.17
CA VAL B 42 -10.50 -2.24 26.43
C VAL B 42 -10.74 -0.92 25.71
N LEU B 43 -9.79 0.00 25.64
CA LEU B 43 -10.01 1.28 24.87
C LEU B 43 -10.15 0.94 23.37
N TYR B 44 -9.17 0.23 22.88
CA TYR B 44 -9.06 -0.08 21.43
C TYR B 44 -10.28 -0.83 20.95
N ASN B 45 -10.74 -1.80 21.76
CA ASN B 45 -11.88 -2.65 21.36
C ASN B 45 -13.20 -2.03 21.84
N SER B 46 -13.19 -0.90 22.54
CA SER B 46 -14.46 -0.22 22.93
C SER B 46 -15.21 0.31 21.70
N ALA B 47 -16.46 0.77 21.86
CA ALA B 47 -17.28 1.36 20.79
C ALA B 47 -17.17 2.92 20.74
N SER B 48 -16.24 3.53 21.46
CA SER B 48 -16.23 4.97 21.78
C SER B 48 -15.65 5.84 20.62
N PHE B 49 -14.76 5.28 19.81
CA PHE B 49 -13.81 6.09 19.00
C PHE B 49 -13.99 5.87 17.49
N SER B 50 -13.70 6.91 16.73
CA SER B 50 -13.79 6.92 15.26
C SER B 50 -12.36 6.93 14.67
N THR B 51 -11.36 7.29 15.44
CA THR B 51 -9.94 7.22 15.08
C THR B 51 -9.18 6.50 16.19
N PHE B 52 -8.33 5.54 15.82
CA PHE B 52 -7.39 4.93 16.77
C PHE B 52 -6.18 4.40 16.02
N LYS B 53 -5.12 5.19 15.96
CA LYS B 53 -3.95 4.92 15.11
C LYS B 53 -2.73 4.89 16.02
N CYS B 54 -2.02 3.76 16.06
CA CYS B 54 -0.79 3.57 16.84
C CYS B 54 0.39 3.52 15.90
N TYR B 55 1.39 4.31 16.21
CA TYR B 55 2.58 4.61 15.36
C TYR B 55 3.73 3.91 16.08
N GLY B 56 4.46 3.04 15.39
CA GLY B 56 5.61 2.30 15.92
C GLY B 56 5.19 1.19 16.88
N VAL B 57 3.91 0.88 17.05
CA VAL B 57 3.48 -0.26 17.89
C VAL B 57 2.09 -0.68 17.41
N SER B 58 1.84 -1.98 17.40
CA SER B 58 0.50 -2.56 17.12
C SER B 58 -0.42 -2.31 18.29
N PRO B 59 -1.66 -1.83 18.07
CA PRO B 59 -2.57 -1.58 19.19
C PRO B 59 -2.88 -2.85 20.01
N THR B 60 -2.84 -4.02 19.39
CA THR B 60 -3.16 -5.30 20.07
C THR B 60 -1.91 -5.89 20.78
N LYS B 61 -0.76 -5.21 20.80
CA LYS B 61 0.41 -5.65 21.62
C LYS B 61 0.55 -4.79 22.86
N LEU B 62 -0.10 -3.62 22.90
CA LEU B 62 0.03 -2.66 24.02
C LEU B 62 -0.16 -3.36 25.38
N ASN B 63 -1.08 -4.34 25.49
CA ASN B 63 -1.33 -5.02 26.79
C ASN B 63 -0.08 -5.80 27.22
N ASP B 64 0.87 -6.02 26.32
CA ASP B 64 2.03 -6.92 26.53
C ASP B 64 3.30 -6.13 26.85
N LEU B 65 3.29 -4.81 26.85
CA LEU B 65 4.54 -4.01 26.85
C LEU B 65 4.61 -3.17 28.14
N CYS B 66 5.82 -2.78 28.52
CA CYS B 66 6.05 -1.75 29.56
C CYS B 66 6.81 -0.56 28.95
N PHE B 67 6.60 0.64 29.51
CA PHE B 67 7.27 1.91 29.09
C PHE B 67 7.76 2.68 30.33
N THR B 68 8.86 3.44 30.20
CA THR B 68 9.47 4.26 31.29
C THR B 68 8.47 5.34 31.72
N ASN B 69 8.04 6.13 30.74
CA ASN B 69 7.08 7.26 30.83
C ASN B 69 6.02 7.16 29.74
N VAL B 70 4.84 7.64 30.10
CA VAL B 70 3.65 7.74 29.23
C VAL B 70 3.06 9.12 29.45
N TYR B 71 2.73 9.83 28.38
CA TYR B 71 1.94 11.07 28.44
C TYR B 71 0.64 10.86 27.73
N ALA B 72 -0.36 11.54 28.24
CA ALA B 72 -1.70 11.65 27.64
C ALA B 72 -1.96 13.13 27.38
N ASP B 73 -1.91 13.50 26.11
CA ASP B 73 -2.19 14.87 25.66
C ASP B 73 -3.64 14.87 25.22
N SER B 74 -4.36 15.95 25.44
CA SER B 74 -5.79 16.03 25.11
C SER B 74 -6.21 17.45 24.75
N PHE B 75 -7.09 17.53 23.75
CA PHE B 75 -7.59 18.81 23.18
C PHE B 75 -8.78 18.58 22.29
N VAL B 76 -9.40 19.69 21.85
CA VAL B 76 -10.50 19.70 20.86
C VAL B 76 -10.04 20.42 19.58
N ILE B 77 -10.36 19.85 18.44
CA ILE B 77 -10.14 20.40 17.08
C ILE B 77 -11.41 20.10 16.29
N ARG B 78 -11.52 20.55 15.04
CA ARG B 78 -12.67 20.16 14.19
C ARG B 78 -12.34 18.84 13.48
N GLY B 79 -13.36 18.16 13.03
CA GLY B 79 -13.24 16.80 12.45
C GLY B 79 -12.21 16.74 11.30
N ASP B 80 -12.17 17.77 10.45
CA ASP B 80 -11.31 17.73 9.23
CA ASP B 80 -11.30 17.81 9.24
C ASP B 80 -9.83 17.99 9.61
N GLU B 81 -9.55 18.33 10.88
CA GLU B 81 -8.19 18.50 11.40
C GLU B 81 -7.67 17.24 12.08
N VAL B 82 -8.50 16.24 12.28
CA VAL B 82 -7.99 15.02 12.97
C VAL B 82 -6.81 14.42 12.21
N ARG B 83 -6.84 14.45 10.88
CA ARG B 83 -5.82 13.83 10.05
C ARG B 83 -4.48 14.59 10.24
N GLN B 84 -4.51 15.83 10.73
CA GLN B 84 -3.27 16.64 10.98
C GLN B 84 -2.52 16.16 12.22
N ILE B 85 -3.16 15.32 13.08
CA ILE B 85 -2.55 14.87 14.35
C ILE B 85 -1.79 13.60 14.02
N ALA B 86 -0.68 13.78 13.30
CA ALA B 86 0.20 12.67 12.86
C ALA B 86 1.56 13.24 12.49
N PRO B 87 2.61 12.41 12.58
CA PRO B 87 3.94 12.78 12.17
C PRO B 87 3.96 13.24 10.71
N GLY B 88 4.74 14.29 10.45
CA GLY B 88 5.06 14.74 9.08
C GLY B 88 3.93 15.56 8.46
N GLN B 89 2.88 15.90 9.19
CA GLN B 89 1.72 16.60 8.58
C GLN B 89 1.99 18.10 8.52
N THR B 90 1.22 18.82 7.71
CA THR B 90 1.28 20.28 7.63
C THR B 90 -0.16 20.79 7.77
N GLY B 91 -0.33 22.09 7.99
CA GLY B 91 -1.60 22.84 8.10
C GLY B 91 -1.56 23.56 9.46
N LYS B 92 -2.61 24.29 9.78
CA LYS B 92 -2.59 25.28 10.89
C LYS B 92 -2.41 24.53 12.20
N ILE B 93 -3.03 23.36 12.35
CA ILE B 93 -2.89 22.62 13.64
C ILE B 93 -1.46 22.09 13.78
N ALA B 94 -0.98 21.31 12.82
CA ALA B 94 0.31 20.58 12.94
C ALA B 94 1.46 21.58 13.04
N ASP B 95 1.33 22.74 12.38
CA ASP B 95 2.41 23.75 12.29
C ASP B 95 2.36 24.73 13.47
N TYR B 96 1.21 25.19 13.90
CA TYR B 96 1.11 26.31 14.86
C TYR B 96 0.43 25.92 16.21
N ASN B 97 -0.11 24.70 16.37
CA ASN B 97 -0.85 24.34 17.64
C ASN B 97 -0.29 23.12 18.35
N TYR B 98 -0.19 22.00 17.63
CA TYR B 98 0.28 20.71 18.19
C TYR B 98 0.97 19.87 17.13
N LYS B 99 2.25 19.60 17.35
CA LYS B 99 3.14 18.93 16.41
C LYS B 99 3.74 17.66 17.05
N LEU B 100 3.69 16.54 16.38
CA LEU B 100 4.25 15.23 16.79
C LEU B 100 5.62 15.07 16.15
N PRO B 101 6.60 14.45 16.85
CA PRO B 101 7.94 14.23 16.31
C PRO B 101 7.88 13.22 15.15
N ASP B 102 8.85 13.23 14.22
CA ASP B 102 8.83 12.28 13.07
C ASP B 102 8.96 10.86 13.64
N ASP B 103 9.70 10.67 14.72
CA ASP B 103 10.00 9.33 15.31
C ASP B 103 8.94 8.90 16.34
N PHE B 104 7.73 9.48 16.30
CA PHE B 104 6.65 9.29 17.31
C PHE B 104 6.33 7.81 17.51
N THR B 105 6.29 7.39 18.77
CA THR B 105 5.69 6.11 19.19
C THR B 105 4.50 6.40 20.08
N GLY B 106 3.32 5.92 19.70
CA GLY B 106 2.09 6.25 20.44
C GLY B 106 0.86 6.16 19.60
N CYS B 107 -0.28 6.45 20.20
CA CYS B 107 -1.60 6.24 19.59
C CYS B 107 -2.31 7.58 19.59
N VAL B 108 -2.95 7.86 18.49
CA VAL B 108 -3.79 9.05 18.35
C VAL B 108 -5.22 8.56 18.37
N ILE B 109 -6.04 9.08 19.27
CA ILE B 109 -7.41 8.54 19.49
C ILE B 109 -8.36 9.71 19.38
N ALA B 110 -9.47 9.60 18.67
CA ALA B 110 -10.41 10.72 18.51
C ALA B 110 -11.85 10.22 18.43
N TRP B 111 -12.76 11.12 18.76
CA TRP B 111 -14.21 10.88 18.69
C TRP B 111 -14.99 12.15 18.49
N ASN B 112 -16.13 12.01 17.83
CA ASN B 112 -17.05 13.16 17.63
C ASN B 112 -17.58 13.60 18.99
N SER B 113 -17.50 14.89 19.33
CA SER B 113 -17.97 15.42 20.62
C SER B 113 -19.06 16.48 20.39
N ASN B 114 -19.75 16.44 19.24
CA ASN B 114 -20.77 17.44 18.88
C ASN B 114 -21.79 17.62 20.03
N ASN B 115 -22.27 16.52 20.57
CA ASN B 115 -23.23 16.44 21.71
C ASN B 115 -22.70 17.11 23.01
N LEU B 116 -21.40 17.23 23.23
CA LEU B 116 -20.81 17.79 24.47
C LEU B 116 -20.30 19.23 24.21
N ASP B 117 -19.70 19.52 23.05
CA ASP B 117 -18.79 20.69 22.87
C ASP B 117 -19.39 21.80 21.98
N SER B 118 -20.55 21.59 21.39
CA SER B 118 -21.25 22.62 20.60
C SER B 118 -22.46 23.17 21.39
N LYS B 119 -22.84 24.42 21.14
CA LYS B 119 -24.06 25.08 21.73
C LYS B 119 -24.74 25.81 20.59
N VAL B 120 -26.05 26.01 20.70
CA VAL B 120 -26.90 26.65 19.64
C VAL B 120 -26.33 28.01 19.21
N GLY B 121 -25.88 28.84 20.14
CA GLY B 121 -25.29 30.16 19.79
C GLY B 121 -23.80 30.11 19.44
N GLY B 122 -23.21 28.91 19.41
CA GLY B 122 -21.76 28.73 19.20
C GLY B 122 -21.02 28.61 20.52
N ASN B 123 -20.09 27.66 20.63
CA ASN B 123 -19.20 27.52 21.80
C ASN B 123 -17.91 28.27 21.52
N TYR B 124 -17.65 29.38 22.22
CA TYR B 124 -16.49 30.24 21.90
C TYR B 124 -15.35 29.94 22.85
N ASN B 125 -15.44 28.87 23.62
CA ASN B 125 -14.33 28.57 24.57
C ASN B 125 -13.24 27.77 23.87
N TYR B 126 -13.49 27.19 22.69
CA TYR B 126 -12.44 26.41 21.98
C TYR B 126 -11.79 27.29 20.92
N LEU B 127 -10.46 27.33 20.88
CA LEU B 127 -9.73 28.18 19.88
C LEU B 127 -8.53 27.44 19.31
N TYR B 128 -8.00 27.96 18.19
CA TYR B 128 -6.74 27.44 17.66
C TYR B 128 -5.94 28.64 17.16
N ARG B 129 -4.63 28.52 17.15
CA ARG B 129 -3.73 29.54 16.60
C ARG B 129 -3.83 29.46 15.08
N LEU B 130 -4.09 30.59 14.45
CA LEU B 130 -4.26 30.65 12.97
C LEU B 130 -2.99 31.21 12.32
N PHE B 131 -2.21 31.97 13.06
CA PHE B 131 -0.97 32.58 12.55
C PHE B 131 0.18 32.41 13.51
N ARG B 132 1.37 32.22 12.94
CA ARG B 132 2.61 32.23 13.75
C ARG B 132 3.82 32.55 12.87
N LYS B 133 4.85 33.12 13.43
CA LYS B 133 6.03 33.53 12.60
C LYS B 133 6.83 32.32 12.14
N SER B 134 6.74 31.21 12.84
CA SER B 134 7.41 29.93 12.42
C SER B 134 6.63 28.76 13.03
N ASN B 135 6.98 27.55 12.62
CA ASN B 135 6.31 26.30 13.02
C ASN B 135 6.70 25.90 14.45
N LEU B 136 5.81 25.25 15.19
CA LEU B 136 6.17 24.69 16.53
C LEU B 136 7.21 23.60 16.33
N LYS B 137 8.11 23.38 17.30
CA LYS B 137 8.88 22.12 17.37
C LYS B 137 7.98 21.04 17.98
N PRO B 138 8.34 19.74 17.83
CA PRO B 138 7.56 18.66 18.44
C PRO B 138 7.23 18.90 19.92
N PHE B 139 5.96 18.76 20.27
CA PHE B 139 5.52 18.88 21.65
C PHE B 139 5.79 20.27 22.20
N GLU B 140 5.95 21.31 21.38
CA GLU B 140 5.98 22.66 21.94
C GLU B 140 4.53 23.19 22.13
N ARG B 141 4.34 24.10 23.07
CA ARG B 141 3.05 24.77 23.31
C ARG B 141 3.31 26.26 23.23
N ASP B 142 2.45 27.00 22.56
CA ASP B 142 2.51 28.49 22.49
C ASP B 142 1.15 29.00 22.96
N ILE B 143 1.10 29.63 24.13
CA ILE B 143 -0.18 30.19 24.63
C ILE B 143 -0.12 31.73 24.54
N SER B 144 0.87 32.33 23.89
CA SER B 144 0.89 33.81 23.76
C SER B 144 -0.28 34.33 22.88
N THR B 145 -0.63 35.61 23.04
CA THR B 145 -1.73 36.31 22.32
C THR B 145 -1.22 37.67 21.82
N GLU B 146 0.03 37.75 21.37
CA GLU B 146 0.54 38.93 20.64
C GLU B 146 -0.18 39.10 19.29
N ILE B 147 -0.42 40.34 18.90
CA ILE B 147 -0.99 40.68 17.58
C ILE B 147 0.03 40.20 16.54
N TYR B 148 -0.41 39.41 15.57
CA TYR B 148 0.44 38.91 14.46
C TYR B 148 0.54 39.93 13.34
N GLN B 149 1.78 40.21 12.99
CA GLN B 149 2.16 41.25 12.02
C GLN B 149 2.29 40.55 10.67
N ALA B 150 1.28 40.62 9.81
CA ALA B 150 1.24 39.83 8.58
C ALA B 150 1.86 40.68 7.44
N GLY B 151 1.94 42.01 7.57
CA GLY B 151 2.53 42.86 6.52
C GLY B 151 3.73 43.63 7.03
N SER B 152 4.13 44.70 6.31
CA SER B 152 5.32 45.54 6.59
C SER B 152 5.07 46.48 7.78
N THR B 153 3.82 46.87 8.02
CA THR B 153 3.42 47.94 8.98
C THR B 153 3.45 47.32 10.38
N PRO B 154 4.14 47.90 11.41
CA PRO B 154 4.14 47.38 12.77
C PRO B 154 2.71 47.55 13.28
N CYS B 155 2.26 46.58 14.06
CA CYS B 155 0.92 46.55 14.63
C CYS B 155 0.78 47.49 15.85
N ASN B 156 1.80 47.59 16.71
CA ASN B 156 1.73 48.29 18.02
C ASN B 156 0.56 47.81 18.89
N GLY B 157 0.36 46.50 19.03
CA GLY B 157 -0.77 45.94 19.80
C GLY B 157 -2.11 46.50 19.32
N VAL B 158 -2.23 46.84 18.07
CA VAL B 158 -3.56 47.27 17.54
C VAL B 158 -3.92 46.25 16.48
N GLU B 159 -5.00 45.50 16.70
CA GLU B 159 -5.69 44.80 15.60
C GLU B 159 -6.00 45.86 14.52
N GLY B 160 -5.67 45.57 13.27
CA GLY B 160 -6.01 46.41 12.13
C GLY B 160 -5.68 45.68 10.87
N PHE B 161 -5.61 46.40 9.78
CA PHE B 161 -5.19 45.86 8.48
C PHE B 161 -3.86 45.09 8.67
N ASN B 162 -3.82 43.80 8.37
CA ASN B 162 -2.55 42.99 8.36
C ASN B 162 -1.97 42.88 9.77
N CYS B 163 -2.82 43.14 10.77
CA CYS B 163 -2.46 43.07 12.19
C CYS B 163 -3.51 42.22 12.91
N TYR B 164 -3.26 40.92 13.06
CA TYR B 164 -4.33 39.96 13.53
C TYR B 164 -4.11 39.44 14.94
N PHE B 165 -5.19 39.40 15.70
CA PHE B 165 -5.26 38.58 16.95
C PHE B 165 -5.06 37.13 16.52
N PRO B 166 -4.10 36.37 17.07
CA PRO B 166 -3.67 35.14 16.45
C PRO B 166 -4.53 33.88 16.69
N LEU B 167 -5.44 33.91 17.68
CA LEU B 167 -6.37 32.80 18.00
C LEU B 167 -7.73 33.06 17.34
N GLN B 168 -8.34 32.03 16.76
CA GLN B 168 -9.67 32.04 16.12
C GLN B 168 -10.50 31.05 16.96
N SER B 169 -11.74 31.40 17.25
CA SER B 169 -12.66 30.47 17.93
C SER B 169 -13.29 29.57 16.86
N TYR B 170 -13.47 28.28 17.16
CA TYR B 170 -14.25 27.37 16.30
C TYR B 170 -15.73 27.78 16.30
N GLY B 171 -16.25 28.33 17.38
CA GLY B 171 -17.67 28.69 17.49
C GLY B 171 -18.63 27.51 17.26
N PHE B 172 -18.30 26.31 17.74
CA PHE B 172 -19.01 25.06 17.37
C PHE B 172 -20.51 25.20 17.60
N GLN B 173 -21.31 24.97 16.55
CA GLN B 173 -22.80 24.88 16.65
C GLN B 173 -23.19 23.47 16.20
N PRO B 174 -24.23 22.85 16.80
CA PRO B 174 -24.59 21.47 16.46
C PRO B 174 -24.97 21.23 14.99
N THR B 175 -25.32 22.29 14.25
CA THR B 175 -25.80 22.24 12.83
C THR B 175 -24.62 22.37 11.86
N TYR B 176 -23.40 22.53 12.34
CA TYR B 176 -22.19 22.36 11.52
C TYR B 176 -22.18 20.99 10.84
N GLY B 177 -21.71 20.96 9.60
CA GLY B 177 -21.35 19.70 8.92
C GLY B 177 -20.26 19.00 9.74
N VAL B 178 -20.10 17.70 9.54
CA VAL B 178 -19.32 16.85 10.47
C VAL B 178 -17.84 17.27 10.46
N GLY B 179 -17.28 17.55 9.29
CA GLY B 179 -15.92 18.12 9.20
C GLY B 179 -15.68 19.36 10.05
N TYR B 180 -16.71 20.14 10.38
CA TYR B 180 -16.58 21.35 11.25
C TYR B 180 -17.10 21.09 12.68
N GLN B 181 -17.55 19.87 12.97
CA GLN B 181 -18.01 19.53 14.32
C GLN B 181 -16.77 19.32 15.21
N PRO B 182 -16.93 19.48 16.53
CA PRO B 182 -15.82 19.21 17.41
C PRO B 182 -15.55 17.71 17.60
N TYR B 183 -14.26 17.44 17.61
CA TYR B 183 -13.68 16.13 17.94
C TYR B 183 -12.76 16.27 19.15
N ARG B 184 -13.00 15.45 20.15
CA ARG B 184 -12.04 15.27 21.25
C ARG B 184 -10.92 14.38 20.76
N VAL B 185 -9.72 14.63 21.24
CA VAL B 185 -8.55 13.85 20.83
C VAL B 185 -7.71 13.57 22.07
N VAL B 186 -7.20 12.34 22.15
CA VAL B 186 -6.20 12.00 23.17
C VAL B 186 -5.02 11.44 22.43
N VAL B 187 -3.84 11.93 22.72
CA VAL B 187 -2.60 11.34 22.14
C VAL B 187 -1.81 10.69 23.24
N LEU B 188 -1.62 9.38 23.17
CA LEU B 188 -0.78 8.65 24.15
C LEU B 188 0.63 8.54 23.54
N SER B 189 1.67 9.03 24.19
CA SER B 189 3.05 8.78 23.75
C SER B 189 3.76 7.86 24.74
N PHE B 190 4.51 6.92 24.19
CA PHE B 190 5.19 5.84 24.94
C PHE B 190 6.68 6.09 24.78
N GLU B 191 7.41 6.23 25.89
CA GLU B 191 8.89 6.38 25.88
C GLU B 191 9.57 5.19 26.55
N LEU B 192 10.62 4.66 25.92
CA LEU B 192 11.48 3.54 26.43
C LEU B 192 12.93 4.04 26.58
N LEU B 193 13.25 4.66 27.72
CA LEU B 193 14.57 5.28 28.07
C LEU B 193 15.39 4.29 28.91
N HIS B 194 16.62 4.68 29.30
CA HIS B 194 17.48 3.93 30.27
C HIS B 194 17.07 4.30 31.69
N ALA B 195 16.06 3.62 32.20
CA ALA B 195 15.43 3.80 33.53
C ALA B 195 14.51 2.59 33.76
N PRO B 196 13.88 2.42 34.96
CA PRO B 196 12.94 1.31 35.15
C PRO B 196 11.71 1.64 34.30
N ALA B 197 10.95 0.62 33.89
CA ALA B 197 9.73 0.71 33.06
C ALA B 197 8.48 0.60 33.95
N THR B 198 7.96 1.74 34.42
CA THR B 198 6.87 1.88 35.43
C THR B 198 5.45 1.69 34.85
N VAL B 199 5.21 1.89 33.55
CA VAL B 199 3.82 1.83 32.98
C VAL B 199 3.68 0.56 32.11
N CYS B 200 2.88 -0.44 32.57
CA CYS B 200 2.75 -1.79 31.94
C CYS B 200 1.30 -2.07 31.58
N GLY B 201 1.04 -2.70 30.43
CA GLY B 201 -0.26 -3.37 30.15
C GLY B 201 -0.47 -4.54 31.14
N PRO B 202 -1.68 -5.12 31.26
CA PRO B 202 -1.96 -6.16 32.27
C PRO B 202 -1.32 -7.53 31.99
N ALA B 203 -0.70 -7.77 30.84
CA ALA B 203 0.16 -8.94 30.56
C ALA B 203 1.65 -8.55 30.71
N ALA B 204 2.49 -9.40 31.31
CA ALA B 204 3.96 -9.20 31.39
C ALA B 204 4.27 -7.70 31.47
N ALA C 4 16.51 -6.51 -25.84
CA ALA C 4 17.87 -6.96 -26.09
C ALA C 4 18.04 -8.27 -25.31
N GLU C 5 18.57 -8.27 -24.08
CA GLU C 5 18.94 -9.56 -23.41
C GLU C 5 17.68 -10.43 -23.23
N ARG C 6 17.61 -11.60 -23.86
CA ARG C 6 16.37 -12.42 -23.96
C ARG C 6 16.73 -13.85 -24.34
N VAL C 7 15.83 -14.80 -24.06
CA VAL C 7 15.87 -16.14 -24.68
C VAL C 7 14.89 -16.15 -25.86
N GLU C 8 15.42 -16.21 -27.08
CA GLU C 8 14.67 -16.29 -28.36
C GLU C 8 14.30 -17.76 -28.58
N GLN C 9 13.00 -18.04 -28.65
CA GLN C 9 12.51 -19.42 -28.79
C GLN C 9 11.74 -19.51 -30.11
N THR C 10 12.10 -20.48 -30.98
CA THR C 10 11.51 -20.69 -32.33
C THR C 10 11.12 -22.15 -32.43
N PRO C 11 9.98 -22.52 -33.05
CA PRO C 11 8.98 -21.57 -33.52
C PRO C 11 8.04 -21.12 -32.41
N THR C 12 7.34 -20.00 -32.58
CA THR C 12 6.36 -19.51 -31.59
C THR C 12 5.15 -20.46 -31.60
N THR C 13 4.78 -20.98 -32.76
CA THR C 13 3.62 -21.89 -32.95
C THR C 13 3.97 -22.93 -34.01
N THR C 14 3.53 -24.19 -33.85
CA THR C 14 3.53 -25.22 -34.93
C THR C 14 2.26 -26.07 -34.85
N THR C 15 1.81 -26.53 -36.02
CA THR C 15 0.84 -27.64 -36.25
C THR C 15 1.60 -28.85 -36.82
N LYS C 16 1.32 -30.04 -36.29
CA LYS C 16 1.86 -31.35 -36.78
C LYS C 16 0.74 -32.40 -36.87
N GLU C 17 1.02 -33.50 -37.58
CA GLU C 17 0.22 -34.75 -37.54
C GLU C 17 0.90 -35.68 -36.51
N ALA C 18 0.12 -36.49 -35.79
CA ALA C 18 0.62 -37.45 -34.78
C ALA C 18 1.56 -38.44 -35.47
N GLY C 19 2.62 -38.87 -34.78
CA GLY C 19 3.64 -39.77 -35.34
C GLY C 19 4.84 -38.99 -35.87
N GLU C 20 4.65 -37.72 -36.21
CA GLU C 20 5.77 -36.82 -36.60
C GLU C 20 6.61 -36.53 -35.35
N SER C 21 7.70 -35.79 -35.53
CA SER C 21 8.46 -35.15 -34.45
C SER C 21 8.68 -33.66 -34.75
N LEU C 22 9.22 -32.95 -33.78
CA LEU C 22 9.28 -31.47 -33.74
C LEU C 22 10.54 -31.09 -32.97
N THR C 23 11.28 -30.10 -33.46
CA THR C 23 12.42 -29.53 -32.71
C THR C 23 12.07 -28.10 -32.32
N ILE C 24 12.39 -27.73 -31.08
CA ILE C 24 12.29 -26.34 -30.59
C ILE C 24 13.71 -25.89 -30.26
N ASN C 25 14.07 -24.67 -30.68
CA ASN C 25 15.43 -24.08 -30.54
C ASN C 25 15.34 -22.80 -29.72
N CYS C 26 16.21 -22.67 -28.72
CA CYS C 26 16.27 -21.49 -27.82
C CYS C 26 17.69 -20.97 -27.91
N VAL C 27 17.86 -19.66 -28.00
CA VAL C 27 19.23 -19.08 -27.85
C VAL C 27 19.17 -17.86 -26.95
N LEU C 28 20.16 -17.76 -26.08
CA LEU C 28 20.33 -16.62 -25.17
C LEU C 28 21.06 -15.53 -25.98
N ARG C 29 20.32 -14.50 -26.42
CA ARG C 29 20.85 -13.40 -27.27
C ARG C 29 21.11 -12.16 -26.40
N ASP C 30 22.13 -11.38 -26.77
CA ASP C 30 22.41 -10.03 -26.23
C ASP C 30 22.66 -10.15 -24.73
N SER C 31 23.32 -11.19 -24.28
CA SER C 31 23.59 -11.40 -22.83
C SER C 31 25.09 -11.44 -22.63
N PRO C 32 25.62 -10.83 -21.53
CA PRO C 32 26.99 -11.02 -21.11
C PRO C 32 27.17 -12.30 -20.30
N CYS C 33 26.07 -12.99 -19.97
CA CYS C 33 26.03 -14.19 -19.08
C CYS C 33 26.24 -15.49 -19.90
N SER C 34 26.94 -16.46 -19.30
CA SER C 34 27.15 -17.82 -19.86
C SER C 34 25.91 -18.67 -19.64
N LEU C 35 25.62 -19.60 -20.55
CA LEU C 35 24.58 -20.65 -20.38
C LEU C 35 25.15 -21.79 -19.54
N ASP C 36 24.79 -21.88 -18.27
CA ASP C 36 25.41 -22.86 -17.34
C ASP C 36 24.57 -24.14 -17.29
N SER C 37 23.29 -24.08 -17.61
CA SER C 37 22.35 -25.21 -17.39
C SER C 37 21.01 -24.84 -18.03
N THR C 38 20.28 -25.82 -18.56
CA THR C 38 18.97 -25.66 -19.26
C THR C 38 17.92 -26.60 -18.69
N PHE C 39 16.63 -26.26 -18.85
CA PHE C 39 15.43 -26.98 -18.36
C PHE C 39 14.26 -26.68 -19.31
N TRP C 40 13.39 -27.67 -19.50
CA TRP C 40 12.16 -27.58 -20.33
C TRP C 40 10.94 -27.94 -19.48
N TYR C 41 9.81 -27.30 -19.75
CA TYR C 41 8.51 -27.50 -19.09
C TYR C 41 7.46 -27.57 -20.19
N PHE C 42 6.34 -28.19 -19.84
CA PHE C 42 5.19 -28.42 -20.75
C PHE C 42 3.94 -27.97 -20.00
N THR C 43 3.12 -27.11 -20.58
CA THR C 43 1.74 -26.88 -20.08
C THR C 43 0.78 -27.58 -21.05
N LYS C 44 0.24 -28.73 -20.62
CA LYS C 44 -0.98 -29.37 -21.20
C LYS C 44 -1.92 -28.28 -21.74
N LYS C 45 -2.46 -28.42 -22.95
CA LYS C 45 -3.57 -27.56 -23.42
C LYS C 45 -4.72 -27.62 -22.40
N GLY C 46 -5.07 -26.50 -21.77
CA GLY C 46 -6.20 -26.41 -20.81
C GLY C 46 -5.75 -26.39 -19.36
N ALA C 47 -4.52 -26.81 -19.06
CA ALA C 47 -3.96 -26.75 -17.69
C ALA C 47 -3.22 -25.41 -17.51
N THR C 48 -2.80 -25.09 -16.30
CA THR C 48 -1.87 -23.96 -16.01
C THR C 48 -0.63 -24.47 -15.25
N LYS C 49 -0.66 -25.68 -14.67
CA LYS C 49 0.53 -26.33 -14.05
C LYS C 49 1.60 -26.56 -15.13
N LYS C 50 2.82 -26.06 -14.92
CA LYS C 50 4.03 -26.38 -15.72
C LYS C 50 4.66 -27.71 -15.24
N GLU C 51 4.62 -28.76 -16.08
CA GLU C 51 5.27 -30.09 -15.90
C GLU C 51 6.75 -30.03 -16.30
N ASN C 52 7.66 -30.48 -15.44
CA ASN C 52 9.08 -30.71 -15.81
C ASN C 52 9.17 -31.72 -16.95
N LEU C 53 10.07 -31.51 -17.90
CA LEU C 53 10.43 -32.49 -18.95
C LEU C 53 11.90 -32.87 -18.81
N SER C 54 12.17 -34.14 -18.57
CA SER C 54 13.54 -34.68 -18.50
C SER C 54 14.02 -35.12 -19.88
N ASN C 55 15.34 -35.11 -20.01
CA ASN C 55 16.05 -35.84 -21.09
C ASN C 55 15.78 -37.33 -20.88
N GLY C 56 15.05 -37.96 -21.80
CA GLY C 56 14.66 -39.38 -21.71
C GLY C 56 13.39 -39.69 -22.49
N GLY C 57 13.19 -40.95 -22.84
CA GLY C 57 12.03 -41.41 -23.64
C GLY C 57 11.98 -40.64 -24.93
N ARG C 58 10.83 -40.04 -25.23
CA ARG C 58 10.56 -39.37 -26.51
C ARG C 58 11.11 -37.94 -26.52
N TYR C 59 11.89 -37.56 -25.50
CA TYR C 59 12.41 -36.18 -25.32
C TYR C 59 13.92 -36.19 -25.36
N ALA C 60 14.53 -35.47 -26.31
CA ALA C 60 16.01 -35.31 -26.38
C ALA C 60 16.39 -33.84 -26.20
N GLU C 61 17.22 -33.57 -25.19
CA GLU C 61 17.67 -32.21 -24.79
C GLU C 61 19.17 -32.11 -25.03
N THR C 62 19.55 -31.08 -25.79
CA THR C 62 20.94 -30.75 -26.21
C THR C 62 21.25 -29.31 -25.87
N VAL C 63 22.54 -29.02 -25.68
CA VAL C 63 23.06 -27.68 -25.34
C VAL C 63 24.36 -27.49 -26.09
N ASN C 64 24.57 -26.32 -26.68
CA ASN C 64 25.87 -25.84 -27.17
C ASN C 64 26.17 -24.56 -26.39
N LYS C 65 27.00 -24.66 -25.35
CA LYS C 65 27.32 -23.56 -24.41
C LYS C 65 28.02 -22.41 -25.14
N ALA C 66 28.88 -22.71 -26.11
CA ALA C 66 29.73 -21.72 -26.81
C ALA C 66 28.83 -20.78 -27.61
N SER C 67 27.79 -21.29 -28.26
CA SER C 67 26.82 -20.47 -29.04
C SER C 67 25.57 -20.16 -28.18
N LYS C 68 25.54 -20.70 -26.96
CA LYS C 68 24.46 -20.40 -25.98
C LYS C 68 23.12 -20.80 -26.57
N SER C 69 23.08 -21.93 -27.27
CA SER C 69 21.85 -22.53 -27.85
C SER C 69 21.49 -23.82 -27.14
N PHE C 70 20.22 -24.17 -27.20
CA PHE C 70 19.74 -25.45 -26.65
C PHE C 70 18.43 -25.81 -27.37
N SER C 71 18.14 -27.09 -27.49
CA SER C 71 16.98 -27.58 -28.27
C SER C 71 16.27 -28.68 -27.51
N LEU C 72 15.02 -28.88 -27.86
CA LEU C 72 14.22 -30.06 -27.46
C LEU C 72 13.68 -30.71 -28.74
N GLN C 73 13.88 -32.01 -28.88
CA GLN C 73 13.29 -32.81 -29.99
C GLN C 73 12.27 -33.73 -29.32
N ILE C 74 11.04 -33.68 -29.80
CA ILE C 74 9.96 -34.60 -29.32
C ILE C 74 9.74 -35.58 -30.45
N SER C 75 9.88 -36.88 -30.18
CA SER C 75 9.72 -38.01 -31.15
C SER C 75 8.30 -38.58 -31.02
N ASP C 76 7.66 -38.90 -32.16
CA ASP C 76 6.41 -39.70 -32.18
C ASP C 76 5.26 -38.91 -31.55
N LEU C 77 4.99 -37.70 -32.04
CA LEU C 77 4.06 -36.76 -31.39
C LEU C 77 2.66 -37.41 -31.29
N ARG C 78 1.97 -37.16 -30.17
CA ARG C 78 0.58 -37.56 -29.86
C ARG C 78 -0.29 -36.30 -29.79
N VAL C 79 -1.61 -36.47 -29.85
CA VAL C 79 -2.58 -35.35 -29.66
C VAL C 79 -2.36 -34.78 -28.25
N GLU C 80 -2.07 -35.65 -27.27
CA GLU C 80 -1.87 -35.28 -25.84
C GLU C 80 -0.57 -34.50 -25.65
N ASP C 81 0.30 -34.40 -26.68
CA ASP C 81 1.50 -33.51 -26.65
C ASP C 81 1.12 -32.05 -26.93
N SER C 82 -0.10 -31.77 -27.34
CA SER C 82 -0.55 -30.40 -27.66
C SER C 82 -0.46 -29.55 -26.38
N GLY C 83 0.19 -28.39 -26.48
CA GLY C 83 0.23 -27.40 -25.39
C GLY C 83 1.33 -26.40 -25.58
N THR C 84 1.74 -25.75 -24.48
CA THR C 84 2.81 -24.74 -24.48
C THR C 84 4.07 -25.35 -23.88
N TYR C 85 5.17 -25.28 -24.63
CA TYR C 85 6.52 -25.71 -24.22
C TYR C 85 7.36 -24.48 -23.85
N HIS C 86 7.99 -24.49 -22.69
CA HIS C 86 8.90 -23.42 -22.24
C HIS C 86 10.29 -23.99 -22.06
N CYS C 87 11.27 -23.22 -22.49
CA CYS C 87 12.69 -23.47 -22.22
C CYS C 87 13.18 -22.48 -21.16
N ARG C 88 14.09 -22.89 -20.29
CA ARG C 88 14.69 -22.06 -19.22
C ARG C 88 16.21 -22.14 -19.33
N ALA C 89 16.87 -20.99 -19.39
CA ALA C 89 18.35 -20.83 -19.41
C ALA C 89 18.82 -20.37 -18.03
N TYR C 90 19.73 -21.13 -17.41
CA TYR C 90 20.38 -20.78 -16.11
C TYR C 90 21.75 -20.19 -16.40
N SER C 91 22.05 -19.05 -15.76
CA SER C 91 23.43 -18.50 -15.61
C SER C 91 23.69 -18.47 -14.10
N THR C 92 24.68 -19.21 -13.65
CA THR C 92 24.85 -19.65 -12.25
C THR C 92 26.26 -19.35 -11.72
N THR C 93 27.24 -19.16 -12.60
CA THR C 93 28.64 -18.81 -12.22
C THR C 93 28.75 -17.29 -12.04
N GLY C 94 27.97 -16.51 -12.81
CA GLY C 94 27.90 -15.03 -12.73
C GLY C 94 29.28 -14.40 -12.59
N ASP C 95 30.27 -14.92 -13.31
CA ASP C 95 31.70 -14.53 -13.18
C ASP C 95 32.32 -14.20 -14.56
N GLU C 96 31.52 -13.99 -15.60
CA GLU C 96 31.96 -13.27 -16.82
C GLU C 96 31.83 -11.81 -16.42
N ARG C 97 32.78 -10.98 -16.85
CA ARG C 97 33.06 -9.68 -16.18
C ARG C 97 31.78 -8.86 -16.10
N ASP C 98 31.01 -8.78 -17.20
CA ASP C 98 29.87 -7.82 -17.28
C ASP C 98 28.55 -8.51 -16.89
N CYS C 99 28.53 -9.82 -16.64
CA CYS C 99 27.33 -10.60 -16.23
C CYS C 99 27.07 -10.32 -14.75
N ARG C 100 25.99 -9.63 -14.43
CA ARG C 100 25.72 -9.15 -13.05
C ARG C 100 24.69 -10.04 -12.33
N TRP C 101 24.11 -11.04 -12.99
CA TRP C 101 22.97 -11.78 -12.36
C TRP C 101 23.28 -13.27 -12.28
N GLN C 102 22.69 -13.94 -11.29
CA GLN C 102 22.58 -15.42 -11.25
C GLN C 102 21.11 -15.81 -11.14
N GLY C 103 20.71 -16.82 -11.91
CA GLY C 103 19.32 -17.25 -11.90
C GLY C 103 18.97 -17.73 -13.28
N TYR C 104 17.76 -17.41 -13.76
CA TYR C 104 17.25 -17.96 -15.03
C TYR C 104 16.28 -17.00 -15.69
N ILE C 105 16.16 -17.18 -17.00
CA ILE C 105 15.23 -16.47 -17.92
C ILE C 105 14.65 -17.54 -18.86
N GLU C 106 13.42 -17.37 -19.31
CA GLU C 106 12.75 -18.36 -20.20
C GLU C 106 12.44 -17.68 -21.52
N GLY C 107 12.24 -18.47 -22.58
CA GLY C 107 11.59 -17.95 -23.79
C GLY C 107 10.10 -17.69 -23.56
N TYR C 108 9.43 -17.13 -24.57
CA TYR C 108 8.00 -16.78 -24.59
C TYR C 108 7.13 -18.02 -24.83
N GLY C 109 7.73 -19.18 -25.11
CA GLY C 109 7.05 -20.47 -25.29
C GLY C 109 6.78 -20.82 -26.76
N THR C 110 6.43 -22.09 -26.99
CA THR C 110 6.00 -22.66 -28.30
C THR C 110 4.63 -23.30 -28.08
N ILE C 111 3.58 -22.79 -28.72
CA ILE C 111 2.21 -23.38 -28.72
C ILE C 111 2.18 -24.44 -29.82
N VAL C 112 2.06 -25.70 -29.41
CA VAL C 112 2.08 -26.91 -30.29
C VAL C 112 0.65 -27.45 -30.44
N THR C 113 0.20 -27.63 -31.69
CA THR C 113 -1.09 -28.27 -32.06
C THR C 113 -0.73 -29.58 -32.77
N VAL C 114 -0.98 -30.73 -32.14
CA VAL C 114 -0.85 -32.08 -32.78
C VAL C 114 -2.23 -32.61 -33.16
N LYS C 115 -2.42 -32.92 -34.46
CA LYS C 115 -3.67 -33.40 -35.14
C LYS C 115 -3.69 -34.93 -35.34
N SER C 116 -4.90 -35.53 -35.40
CA SER C 116 -5.25 -36.82 -36.05
C SER C 116 -4.67 -38.01 -35.28
N ALA D 4 -3.44 14.46 4.58
CA ALA D 4 -4.52 14.34 3.56
C ALA D 4 -5.21 12.97 3.77
N GLU D 5 -4.57 12.06 4.53
CA GLU D 5 -5.03 10.66 4.77
C GLU D 5 -6.39 10.63 5.47
N ARG D 6 -7.43 10.16 4.80
CA ARG D 6 -8.82 10.10 5.37
C ARG D 6 -9.60 8.97 4.72
N VAL D 7 -10.75 8.64 5.30
CA VAL D 7 -11.82 7.84 4.64
C VAL D 7 -12.90 8.78 4.14
N GLU D 8 -13.16 8.71 2.83
CA GLU D 8 -14.21 9.48 2.15
C GLU D 8 -15.43 8.60 2.06
N GLN D 9 -16.47 9.02 2.77
CA GLN D 9 -17.72 8.28 2.81
C GLN D 9 -18.75 9.09 2.06
N THR D 10 -19.36 8.47 1.07
CA THR D 10 -20.34 9.04 0.14
C THR D 10 -21.57 8.13 0.06
N PRO D 11 -22.82 8.64 -0.09
CA PRO D 11 -23.11 10.07 0.03
C PRO D 11 -23.11 10.53 1.50
N THR D 12 -23.11 11.82 1.75
CA THR D 12 -23.16 12.37 3.12
C THR D 12 -24.60 12.26 3.66
N THR D 13 -25.62 12.52 2.84
CA THR D 13 -27.07 12.34 3.20
C THR D 13 -27.78 11.69 2.02
N THR D 14 -28.85 10.91 2.24
CA THR D 14 -29.78 10.48 1.17
C THR D 14 -31.19 10.38 1.74
N THR D 15 -32.16 10.77 0.94
CA THR D 15 -33.59 10.42 1.14
C THR D 15 -34.01 9.40 0.06
N LYS D 16 -34.74 8.38 0.47
CA LYS D 16 -35.25 7.24 -0.34
C LYS D 16 -36.68 6.94 0.05
N GLU D 17 -37.44 6.38 -0.89
CA GLU D 17 -38.75 5.70 -0.63
C GLU D 17 -38.51 4.25 -0.19
N ALA D 18 -39.25 3.80 0.81
CA ALA D 18 -39.41 2.37 1.18
C ALA D 18 -39.51 1.52 -0.10
N GLY D 19 -38.84 0.37 -0.14
CA GLY D 19 -38.78 -0.50 -1.33
C GLY D 19 -37.59 -0.22 -2.25
N GLU D 20 -37.00 0.98 -2.23
CA GLU D 20 -35.80 1.30 -3.06
C GLU D 20 -34.59 0.67 -2.36
N SER D 21 -33.43 0.69 -2.98
CA SER D 21 -32.20 0.17 -2.36
C SER D 21 -31.19 1.31 -2.38
N LEU D 22 -30.12 1.15 -1.64
CA LEU D 22 -29.16 2.26 -1.53
C LEU D 22 -27.77 1.67 -1.37
N THR D 23 -26.77 2.42 -1.86
CA THR D 23 -25.35 2.02 -1.80
C THR D 23 -24.61 3.11 -1.02
N ILE D 24 -23.75 2.71 -0.10
CA ILE D 24 -22.84 3.66 0.59
C ILE D 24 -21.45 3.19 0.20
N ASN D 25 -20.57 4.09 -0.22
CA ASN D 25 -19.16 3.82 -0.65
C ASN D 25 -18.23 4.55 0.32
N CYS D 26 -17.18 3.86 0.68
CA CYS D 26 -16.05 4.34 1.48
C CYS D 26 -14.76 4.04 0.73
N VAL D 27 -13.81 4.95 0.76
CA VAL D 27 -12.47 4.74 0.16
C VAL D 27 -11.43 5.48 0.98
N LEU D 28 -10.40 4.73 1.39
CA LEU D 28 -9.22 5.20 2.14
C LEU D 28 -8.37 5.97 1.11
N ARG D 29 -8.38 7.29 1.16
CA ARG D 29 -7.74 8.23 0.22
C ARG D 29 -6.40 8.71 0.79
N ASP D 30 -5.44 8.95 -0.10
CA ASP D 30 -4.13 9.58 0.18
C ASP D 30 -3.47 8.91 1.38
N SER D 31 -3.48 7.59 1.42
CA SER D 31 -2.81 6.82 2.49
C SER D 31 -1.84 5.85 1.88
N PRO D 32 -0.63 5.70 2.43
CA PRO D 32 0.21 4.57 2.06
C PRO D 32 -0.20 3.25 2.72
N CYS D 33 -1.17 3.27 3.64
CA CYS D 33 -1.56 2.09 4.46
C CYS D 33 -2.51 1.18 3.68
N SER D 34 -2.37 -0.15 3.90
CA SER D 34 -3.19 -1.25 3.35
C SER D 34 -4.60 -1.17 3.94
N LEU D 35 -5.61 -1.54 3.16
CA LEU D 35 -6.97 -1.78 3.72
C LEU D 35 -7.07 -3.26 4.06
N ASP D 36 -7.04 -3.63 5.34
CA ASP D 36 -6.89 -5.04 5.79
C ASP D 36 -8.23 -5.59 6.26
N SER D 37 -9.09 -4.79 6.86
CA SER D 37 -10.48 -5.26 7.13
C SER D 37 -11.42 -4.08 7.19
N THR D 38 -12.71 -4.31 7.17
CA THR D 38 -13.75 -3.27 7.15
C THR D 38 -14.82 -3.61 8.18
N PHE D 39 -15.59 -2.60 8.61
CA PHE D 39 -16.64 -2.78 9.62
C PHE D 39 -17.70 -1.72 9.41
N TRP D 40 -18.96 -2.07 9.58
CA TRP D 40 -20.10 -1.15 9.39
C TRP D 40 -20.95 -1.14 10.65
N TYR D 41 -21.45 0.03 11.04
CA TYR D 41 -22.41 0.12 12.17
C TYR D 41 -23.35 1.28 11.89
N PHE D 42 -24.42 1.39 12.66
CA PHE D 42 -25.37 2.50 12.48
C PHE D 42 -26.03 2.79 13.81
N THR D 43 -26.53 4.00 13.92
CA THR D 43 -27.39 4.45 15.00
C THR D 43 -28.74 4.70 14.34
N LYS D 44 -29.83 4.17 14.90
CA LYS D 44 -31.18 4.48 14.38
C LYS D 44 -31.40 5.98 14.57
N LYS D 45 -32.29 6.53 13.75
CA LYS D 45 -32.80 7.89 13.94
C LYS D 45 -33.32 8.01 15.38
N GLY D 46 -32.86 9.00 16.13
CA GLY D 46 -33.37 9.33 17.45
C GLY D 46 -32.74 8.49 18.55
N ALA D 47 -31.69 7.71 18.22
CA ALA D 47 -30.96 6.84 19.17
C ALA D 47 -29.48 7.19 19.07
N THR D 48 -28.67 6.86 20.09
CA THR D 48 -27.17 6.92 20.04
C THR D 48 -26.55 5.53 20.24
N LYS D 49 -27.31 4.46 20.41
CA LYS D 49 -26.69 3.13 20.51
C LYS D 49 -26.20 2.71 19.11
N LYS D 50 -24.90 2.39 19.02
CA LYS D 50 -24.20 1.88 17.80
C LYS D 50 -24.57 0.39 17.64
N GLU D 51 -25.25 0.03 16.56
CA GLU D 51 -25.68 -1.35 16.20
C GLU D 51 -24.73 -1.86 15.12
N ASN D 52 -24.06 -2.98 15.39
CA ASN D 52 -23.17 -3.69 14.46
C ASN D 52 -23.93 -4.19 13.24
N LEU D 53 -23.39 -4.05 12.04
CA LEU D 53 -24.06 -4.60 10.82
C LEU D 53 -23.19 -5.75 10.30
N SER D 54 -23.75 -6.65 9.51
CA SER D 54 -23.08 -7.80 8.86
C SER D 54 -23.61 -7.96 7.45
N ASN D 55 -22.80 -8.64 6.65
CA ASN D 55 -23.24 -9.28 5.40
C ASN D 55 -24.31 -10.36 5.70
N GLY D 56 -25.57 -10.16 5.25
CA GLY D 56 -26.68 -11.13 5.44
C GLY D 56 -28.03 -10.42 5.42
N GLY D 57 -29.09 -11.14 5.12
CA GLY D 57 -30.42 -10.56 4.83
C GLY D 57 -30.37 -9.46 3.75
N ARG D 58 -30.85 -8.26 4.07
CA ARG D 58 -30.97 -7.13 3.10
C ARG D 58 -29.64 -6.37 2.97
N TYR D 59 -28.58 -6.81 3.67
CA TYR D 59 -27.29 -6.08 3.77
C TYR D 59 -26.24 -6.85 3.00
N ALA D 60 -25.59 -6.19 2.02
CA ALA D 60 -24.48 -6.81 1.27
C ALA D 60 -23.28 -5.89 1.41
N GLU D 61 -22.16 -6.45 1.90
CA GLU D 61 -20.88 -5.75 2.11
C GLU D 61 -19.87 -6.22 1.07
N THR D 62 -19.13 -5.29 0.49
CA THR D 62 -18.04 -5.64 -0.46
C THR D 62 -16.78 -4.93 -0.04
N VAL D 63 -15.62 -5.45 -0.44
CA VAL D 63 -14.29 -4.80 -0.25
C VAL D 63 -13.48 -5.02 -1.52
N ASN D 64 -12.80 -3.98 -2.00
CA ASN D 64 -11.74 -4.12 -3.02
C ASN D 64 -10.46 -3.68 -2.32
N LYS D 65 -9.62 -4.65 -1.96
CA LYS D 65 -8.45 -4.30 -1.10
C LYS D 65 -7.47 -3.47 -1.92
N ALA D 66 -7.18 -3.84 -3.17
CA ALA D 66 -6.17 -3.15 -4.00
C ALA D 66 -6.55 -1.65 -4.11
N SER D 67 -7.83 -1.33 -4.30
CA SER D 67 -8.27 0.08 -4.56
C SER D 67 -8.66 0.76 -3.24
N LYS D 68 -8.63 -0.03 -2.15
CA LYS D 68 -8.90 0.41 -0.77
C LYS D 68 -10.27 1.05 -0.67
N SER D 69 -11.23 0.44 -1.33
CA SER D 69 -12.64 0.87 -1.30
C SER D 69 -13.51 -0.24 -0.75
N PHE D 70 -14.68 0.13 -0.22
CA PHE D 70 -15.62 -0.88 0.35
C PHE D 70 -17.01 -0.26 0.37
N SER D 71 -18.05 -1.07 0.43
CA SER D 71 -19.45 -0.61 0.24
C SER D 71 -20.42 -1.46 1.05
N LEU D 72 -21.50 -0.84 1.39
CA LEU D 72 -22.70 -1.40 2.00
C LEU D 72 -23.87 -1.09 1.08
N GLN D 73 -24.57 -2.10 0.62
CA GLN D 73 -25.85 -1.93 -0.06
C GLN D 73 -26.92 -2.49 0.84
N ILE D 74 -28.00 -1.75 0.96
CA ILE D 74 -29.25 -2.14 1.68
C ILE D 74 -30.34 -2.23 0.66
N SER D 75 -30.93 -3.41 0.54
CA SER D 75 -31.99 -3.76 -0.42
C SER D 75 -33.34 -3.59 0.28
N ASP D 76 -34.36 -3.14 -0.48
CA ASP D 76 -35.75 -3.14 0.00
C ASP D 76 -35.83 -2.32 1.30
N LEU D 77 -35.47 -1.04 1.26
CA LEU D 77 -35.43 -0.15 2.43
C LEU D 77 -36.81 -0.01 3.08
N ARG D 78 -36.80 0.14 4.41
CA ARG D 78 -37.96 0.36 5.31
C ARG D 78 -37.74 1.66 6.08
N VAL D 79 -38.81 2.27 6.60
CA VAL D 79 -38.74 3.51 7.42
C VAL D 79 -37.70 3.32 8.53
N GLU D 80 -37.68 2.11 9.11
CA GLU D 80 -36.84 1.68 10.26
C GLU D 80 -35.34 1.62 9.94
N ASP D 81 -34.97 1.53 8.68
CA ASP D 81 -33.57 1.72 8.22
C ASP D 81 -33.08 3.19 8.40
N SER D 82 -33.95 4.16 8.66
CA SER D 82 -33.58 5.59 8.87
C SER D 82 -32.55 5.70 9.99
N GLY D 83 -31.42 6.36 9.73
CA GLY D 83 -30.40 6.62 10.78
C GLY D 83 -29.05 7.03 10.20
N THR D 84 -27.97 6.88 10.96
CA THR D 84 -26.63 7.26 10.48
C THR D 84 -25.76 6.01 10.45
N TYR D 85 -25.19 5.73 9.27
CA TYR D 85 -24.35 4.57 8.93
C TYR D 85 -22.91 5.03 8.97
N HIS D 86 -22.03 4.19 9.47
CA HIS D 86 -20.60 4.55 9.61
C HIS D 86 -19.80 3.37 9.16
N CYS D 87 -18.77 3.68 8.36
CA CYS D 87 -17.83 2.69 7.83
C CYS D 87 -16.53 2.85 8.60
N ARG D 88 -15.89 1.72 8.91
CA ARG D 88 -14.57 1.73 9.56
C ARG D 88 -13.62 0.90 8.74
N ALA D 89 -12.44 1.49 8.46
CA ALA D 89 -11.32 0.87 7.74
C ALA D 89 -10.31 0.45 8.77
N TYR D 90 -9.87 -0.81 8.78
CA TYR D 90 -8.72 -1.28 9.61
C TYR D 90 -7.52 -1.38 8.68
N SER D 91 -6.38 -0.87 9.13
CA SER D 91 -5.05 -1.18 8.56
C SER D 91 -4.22 -1.83 9.68
N THR D 92 -3.81 -3.09 9.52
CA THR D 92 -3.07 -3.83 10.58
C THR D 92 -1.66 -4.29 10.16
N THR D 93 -1.29 -4.33 8.88
CA THR D 93 0.05 -4.86 8.53
C THR D 93 1.16 -3.93 8.98
N GLY D 94 0.96 -2.60 9.01
CA GLY D 94 2.04 -1.69 9.47
C GLY D 94 3.25 -1.64 8.54
N ASP D 95 3.16 -2.20 7.32
CA ASP D 95 4.40 -2.47 6.54
C ASP D 95 4.26 -2.14 5.04
N GLU D 96 3.17 -1.51 4.60
CA GLU D 96 3.03 -1.05 3.18
C GLU D 96 3.78 0.27 3.00
N ARG D 97 4.67 0.36 2.00
CA ARG D 97 5.25 1.66 1.59
C ARG D 97 5.80 2.31 2.84
N ASP D 98 5.47 3.56 3.14
CA ASP D 98 5.99 4.24 4.35
C ASP D 98 4.82 4.39 5.35
N CYS D 99 3.92 3.44 5.36
CA CYS D 99 2.80 3.46 6.32
C CYS D 99 3.43 3.36 7.70
N ARG D 100 3.06 4.22 8.65
CA ARG D 100 3.71 4.20 10.00
C ARG D 100 2.74 3.75 11.10
N TRP D 101 1.49 3.45 10.75
CA TRP D 101 0.46 3.18 11.77
C TRP D 101 -0.28 1.90 11.49
N GLN D 102 -0.83 1.40 12.60
CA GLN D 102 -1.79 0.27 12.71
C GLN D 102 -3.00 0.69 13.56
N GLY D 103 -4.19 0.31 13.08
CA GLY D 103 -5.45 0.65 13.77
C GLY D 103 -6.58 0.92 12.85
N TYR D 104 -7.45 1.84 13.20
CA TYR D 104 -8.66 2.17 12.41
C TYR D 104 -8.95 3.65 12.31
N ILE D 105 -9.70 3.94 11.24
CA ILE D 105 -10.30 5.27 10.93
C ILE D 105 -11.67 5.06 10.30
N GLU D 106 -12.49 6.11 10.30
CA GLU D 106 -13.90 6.07 9.86
C GLU D 106 -14.20 7.24 8.93
N GLY D 107 -15.17 7.01 8.06
CA GLY D 107 -15.91 8.06 7.36
C GLY D 107 -16.62 8.96 8.32
N TYR D 108 -17.15 10.09 7.81
CA TYR D 108 -18.02 11.01 8.60
C TYR D 108 -19.43 10.46 8.83
N GLY D 109 -19.84 9.42 8.09
CA GLY D 109 -21.19 8.83 8.18
C GLY D 109 -22.06 9.26 7.00
N THR D 110 -23.18 8.57 6.84
CA THR D 110 -24.23 8.90 5.86
C THR D 110 -25.54 8.96 6.62
N ILE D 111 -26.25 10.06 6.51
CA ILE D 111 -27.56 10.22 7.17
C ILE D 111 -28.63 9.77 6.17
N VAL D 112 -29.28 8.65 6.47
CA VAL D 112 -30.33 8.06 5.59
C VAL D 112 -31.71 8.40 6.14
N THR D 113 -32.60 8.96 5.33
CA THR D 113 -34.06 9.14 5.61
C THR D 113 -34.85 8.29 4.62
N VAL D 114 -35.72 7.42 5.11
CA VAL D 114 -36.62 6.58 4.27
C VAL D 114 -38.08 6.99 4.50
N LYS D 115 -38.84 7.40 3.47
CA LYS D 115 -40.26 7.86 3.59
C LYS D 115 -41.20 6.70 3.23
N SER D 116 -42.40 6.60 3.82
CA SER D 116 -43.31 5.42 3.63
C SER D 116 -43.98 5.43 2.25
C1 NAG E . 0.89 -18.65 -3.94
C2 NAG E . 1.98 -19.24 -3.04
C3 NAG E . 2.40 -20.62 -3.49
C4 NAG E . 1.20 -21.54 -3.65
C5 NAG E . 0.34 -20.92 -4.74
C6 NAG E . -0.89 -21.78 -5.08
C7 NAG E . 3.71 -17.88 -1.96
C8 NAG E . 5.05 -17.23 -2.15
N2 NAG E . 3.18 -18.43 -3.04
O3 NAG E . 3.31 -21.14 -2.52
O4 NAG E . 1.65 -22.86 -3.99
O5 NAG E . -0.11 -19.61 -4.35
O6 NAG E . -1.71 -22.30 -4.01
O7 NAG E . 3.20 -17.88 -0.85
C1 NAG E . 1.26 -23.89 -3.03
C2 NAG E . 1.37 -25.24 -3.72
C3 NAG E . 1.29 -26.47 -2.81
C4 NAG E . 1.97 -26.28 -1.46
C5 NAG E . 1.73 -24.88 -0.87
C6 NAG E . 2.62 -24.67 0.35
C7 NAG E . 0.51 -25.27 -5.98
C8 NAG E . -0.70 -25.37 -6.86
N2 NAG E . 0.28 -25.34 -4.68
O3 NAG E . 1.94 -27.56 -3.44
O4 NAG E . 1.46 -27.32 -0.61
O5 NAG E . 2.06 -23.88 -1.84
O6 NAG E . 1.96 -23.83 1.31
O7 NAG E . 1.65 -25.12 -6.39
C1 FUC E . -2.93 -23.07 -3.87
C2 FUC E . -3.44 -23.03 -2.42
C3 FUC E . -4.00 -21.65 -2.09
C4 FUC E . -5.06 -21.29 -3.14
C5 FUC E . -4.42 -21.26 -4.52
C6 FUC E . -5.36 -20.80 -5.63
O2 FUC E . -2.40 -23.31 -1.49
O3 FUC E . -4.50 -21.63 -0.74
O4 FUC E . -6.14 -22.24 -3.12
O5 FUC E . -3.91 -22.58 -4.81
C1 NAG F . -15.05 6.85 30.42
C2 NAG F . -14.24 5.63 30.78
C3 NAG F . -14.86 4.36 30.24
C4 NAG F . -16.35 4.25 30.53
C5 NAG F . -16.99 5.52 29.99
C6 NAG F . -18.51 5.55 30.11
C7 NAG F . -11.87 5.36 30.63
C8 NAG F . -10.63 5.45 29.78
N2 NAG F . -13.00 5.73 30.07
O3 NAG F . -14.12 3.26 30.75
O4 NAG F . -16.89 3.14 29.80
O5 NAG F . -16.42 6.61 30.68
O6 NAG F . -19.04 5.18 31.40
O7 NAG F . -11.83 4.96 31.77
C1 NAG F . -17.64 2.23 30.64
C2 NAG F . -18.58 1.35 29.79
C3 NAG F . -19.00 0.06 30.48
C4 NAG F . -17.86 -0.54 31.28
C5 NAG F . -17.44 0.53 32.28
C6 NAG F . -16.52 0.10 33.40
C7 NAG F . -20.26 2.57 28.43
C8 NAG F . -21.61 3.25 28.56
N2 NAG F . -19.82 2.05 29.58
O3 NAG F . -19.54 -0.81 29.49
O4 NAG F . -18.26 -1.76 31.93
O5 NAG F . -16.76 1.50 31.51
O6 NAG F . -15.22 -0.12 32.83
O7 NAG F . -19.62 2.50 27.39
C1 FUC F . -20.32 4.97 32.07
C2 FUC F . -20.12 4.87 33.60
C3 FUC F . -19.76 6.22 34.22
C4 FUC F . -20.63 7.36 33.66
C5 FUC F . -20.73 7.33 32.13
C6 FUC F . -21.56 8.46 31.53
O2 FUC F . -19.08 3.95 33.94
O3 FUC F . -19.85 6.10 35.64
O4 FUC F . -21.96 7.27 34.20
O5 FUC F . -21.22 6.04 31.73
#